data_3OKW
#
_entry.id   3OKW
#
_cell.length_a   97.036
_cell.length_b   97.036
_cell.length_c   153.055
_cell.angle_alpha   90.00
_cell.angle_beta   90.00
_cell.angle_gamma   120.00
#
_symmetry.space_group_name_H-M   'P 31'
#
loop_
_entity.id
_entity.type
_entity.pdbx_description
1 polymer Semaphorin-6A
2 branched 2-acetamido-2-deoxy-beta-D-glucopyranose-(1-4)-2-acetamido-2-deoxy-beta-D-glucopyranose
3 branched alpha-D-mannopyranose-(1-3)-[alpha-D-mannopyranose-(1-6)]beta-D-mannopyranose-(1-4)-2-acetamido-2-deoxy-beta-D-glucopyranose-(1-4)-2-acetamido-2-deoxy-beta-D-glucopyranose
4 non-polymer 2-acetamido-2-deoxy-beta-D-glucopyranose
5 non-polymer 'CITRIC ACID'
6 non-polymer GLYCEROL
7 water water
#
_entity_poly.entity_id   1
_entity_poly.type   'polypeptide(L)'
_entity_poly.pdbx_seq_one_letter_code
;ETGGFPEDSEPISISHGNYTKQYPVFVGHKPGRNTTQRHRLDIQMIMIMNRTLYVAARDHIYTVDIDTSHTEEIYCSKKL
TWKSRQADVDTCRMKGKHKDECHNFIKVLLKKNDDTLFVCGTNAFNPSCRNYRVDTLETFGDEFSGMARCPYDAKHANIA
LFADGKLYSATVTDFLAIDAVIYRSLGDSPTLRTVKHDSKWLKEPYFVQAVDYGDYIYFFFREIAVEYNTMGKVVFPRVA
QVCKNDMGGSQRVLEKQWTSFLKARLNCSVPGDSHFYFNILQAVTDVIRINGRDVVLATFSTPYNSIPGSAVCAYDMLDI
ANVFTGRFKEQKSPDSTWTPVPDERVPKPRPGCCAGSSSLEKYATSNEFPDDTLNFIKTHPLMDEAVPSIINRPWFLRTM
VRYRLTKIAVDNAAGPYQNHTVVFLGSEKGIILKFLARIGSSGFLNGSLFLEEMNVYNPEKCSYDGVEDKRIMGMQLDRA
SGSLYVAFSTCVIKVPLGRCERHGKCKKTCIASRDPYCGWVRESGSCAHLSPLSRLTFEQDIERGNTDGLGDCHNSGTKH
HHHHH
;
_entity_poly.pdbx_strand_id   A,B
#
# COMPACT_ATOMS: atom_id res chain seq x y z
N PHE A 5 4.01 5.19 -8.81
CA PHE A 5 2.81 4.34 -8.83
C PHE A 5 1.65 4.98 -9.63
N PRO A 6 1.00 4.16 -10.49
CA PRO A 6 -0.08 4.52 -11.42
C PRO A 6 -1.22 5.30 -10.75
N GLU A 7 -1.66 6.36 -11.40
CA GLU A 7 -2.79 7.14 -10.92
C GLU A 7 -4.10 6.45 -11.29
N ASP A 8 -5.11 6.65 -10.46
CA ASP A 8 -6.44 6.10 -10.70
C ASP A 8 -7.06 6.75 -11.94
N SER A 9 -7.37 5.93 -12.93
CA SER A 9 -8.12 6.39 -14.09
C SER A 9 -9.56 6.78 -13.69
N GLU A 10 -10.15 7.69 -14.45
CA GLU A 10 -11.55 8.03 -14.23
C GLU A 10 -12.43 7.28 -15.22
N PRO A 11 -13.62 6.85 -14.77
CA PRO A 11 -14.58 6.22 -15.68
C PRO A 11 -15.14 7.23 -16.66
N ILE A 12 -15.55 6.77 -17.82
CA ILE A 12 -16.23 7.66 -18.75
C ILE A 12 -17.62 8.09 -18.24
N SER A 13 -18.33 7.18 -17.56
CA SER A 13 -19.68 7.46 -17.02
C SER A 13 -19.84 7.03 -15.55
N ILE A 14 -20.75 7.71 -14.83
CA ILE A 14 -21.13 7.29 -13.48
C ILE A 14 -22.64 7.20 -13.27
N SER A 15 -23.08 6.11 -12.66
CA SER A 15 -24.50 5.91 -12.35
C SER A 15 -24.73 5.83 -10.85
N HIS A 16 -25.58 6.73 -10.34
CA HIS A 16 -25.85 6.80 -8.91
C HIS A 16 -27.07 5.98 -8.54
N GLY A 17 -27.34 5.86 -7.23
CA GLY A 17 -28.51 5.15 -6.76
C GLY A 17 -29.80 5.68 -7.36
N ASN A 18 -29.83 6.97 -7.68
CA ASN A 18 -31.01 7.62 -8.24
C ASN A 18 -31.54 6.94 -9.50
N TYR A 19 -30.64 6.51 -10.37
CA TYR A 19 -30.98 5.85 -11.62
C TYR A 19 -31.17 4.35 -11.41
N THR A 20 -30.22 3.75 -10.71
CA THR A 20 -30.18 2.31 -10.51
C THR A 20 -31.37 1.79 -9.69
N LYS A 21 -31.95 2.65 -8.87
CA LYS A 21 -33.03 2.21 -7.96
C LYS A 21 -34.24 1.65 -8.73
N GLN A 22 -34.28 1.87 -10.04
CA GLN A 22 -35.38 1.40 -10.87
C GLN A 22 -35.14 -0.02 -11.40
N TYR A 23 -33.98 -0.59 -11.10
CA TYR A 23 -33.69 -1.96 -11.50
C TYR A 23 -34.51 -2.98 -10.71
N PRO A 24 -35.04 -4.00 -11.41
CA PRO A 24 -35.88 -5.03 -10.78
C PRO A 24 -35.13 -5.78 -9.70
N VAL A 25 -35.84 -6.17 -8.66
CA VAL A 25 -35.18 -6.78 -7.52
C VAL A 25 -35.96 -7.99 -7.07
N PHE A 26 -35.22 -9.06 -6.78
CA PHE A 26 -35.77 -10.28 -6.23
C PHE A 26 -35.55 -10.25 -4.73
N VAL A 27 -36.60 -10.51 -3.96
CA VAL A 27 -36.48 -10.54 -2.51
C VAL A 27 -37.19 -11.77 -1.95
N GLY A 28 -37.32 -12.81 -2.77
CA GLY A 28 -37.83 -14.08 -2.30
C GLY A 28 -39.34 -14.33 -2.26
N HIS A 29 -40.13 -13.49 -2.92
CA HIS A 29 -41.57 -13.69 -2.94
C HIS A 29 -42.10 -14.42 -4.19
N LYS A 30 -43.06 -15.31 -3.96
CA LYS A 30 -43.86 -15.86 -5.06
C LYS A 30 -44.88 -14.78 -5.43
N PRO A 31 -45.46 -14.88 -6.65
CA PRO A 31 -46.37 -13.86 -7.20
C PRO A 31 -47.63 -13.58 -6.39
N GLY A 32 -48.10 -14.54 -5.58
CA GLY A 32 -49.31 -14.33 -4.80
C GLY A 32 -49.14 -13.35 -3.65
N ARG A 33 -49.93 -12.29 -3.66
CA ARG A 33 -49.78 -11.19 -2.70
C ARG A 33 -49.52 -11.63 -1.26
N THR A 36 -46.96 -7.55 4.36
CA THR A 36 -45.65 -6.96 4.07
C THR A 36 -44.54 -7.68 4.84
N GLN A 37 -44.76 -8.94 5.18
CA GLN A 37 -43.77 -9.71 5.94
C GLN A 37 -42.40 -9.77 5.27
N ARG A 38 -41.37 -9.36 6.01
CA ARG A 38 -40.00 -9.34 5.48
C ARG A 38 -39.03 -10.01 6.44
N HIS A 39 -38.36 -11.05 5.95
CA HIS A 39 -37.31 -11.68 6.73
C HIS A 39 -36.06 -11.83 5.84
N ARG A 40 -34.93 -11.32 6.32
CA ARG A 40 -33.66 -11.42 5.60
C ARG A 40 -33.47 -12.83 4.98
N LEU A 41 -33.05 -12.89 3.71
CA LEU A 41 -32.94 -14.16 2.98
C LEU A 41 -31.67 -14.98 3.28
N ASP A 42 -30.61 -14.29 3.69
CA ASP A 42 -29.30 -14.91 3.87
C ASP A 42 -28.83 -15.65 2.62
N ILE A 43 -28.88 -14.97 1.48
CA ILE A 43 -28.34 -15.48 0.23
C ILE A 43 -26.85 -15.83 0.35
N GLN A 44 -26.46 -16.99 -0.17
CA GLN A 44 -25.07 -17.49 -0.10
C GLN A 44 -24.39 -17.43 -1.45
N MET A 45 -25.13 -17.76 -2.51
CA MET A 45 -24.57 -17.78 -3.85
C MET A 45 -25.68 -17.86 -4.90
N ILE A 46 -25.36 -17.43 -6.12
CA ILE A 46 -26.28 -17.58 -7.23
C ILE A 46 -25.62 -18.29 -8.39
N MET A 47 -26.41 -18.99 -9.18
CA MET A 47 -25.93 -19.59 -10.42
C MET A 47 -27.02 -19.74 -11.47
N ILE A 48 -26.61 -19.73 -12.72
CA ILE A 48 -27.54 -19.91 -13.81
C ILE A 48 -27.31 -21.26 -14.43
N MET A 49 -28.38 -22.03 -14.54
CA MET A 49 -28.35 -23.29 -15.24
C MET A 49 -29.49 -23.29 -16.24
N ASN A 50 -29.17 -23.61 -17.50
CA ASN A 50 -30.15 -23.52 -18.56
C ASN A 50 -30.67 -22.09 -18.60
N ARG A 51 -31.96 -21.92 -18.33
CA ARG A 51 -32.58 -20.60 -18.37
C ARG A 51 -33.14 -20.25 -16.99
N THR A 52 -32.59 -20.88 -15.96
CA THR A 52 -33.11 -20.70 -14.62
C THR A 52 -32.03 -20.14 -13.71
N LEU A 53 -32.40 -19.08 -13.00
CA LEU A 53 -31.53 -18.51 -11.96
C LEU A 53 -31.81 -19.20 -10.63
N TYR A 54 -30.76 -19.77 -10.02
CA TYR A 54 -30.86 -20.40 -8.71
C TYR A 54 -30.28 -19.52 -7.62
N VAL A 55 -31.03 -19.32 -6.53
CA VAL A 55 -30.59 -18.51 -5.42
C VAL A 55 -30.48 -19.38 -4.16
N ALA A 56 -29.27 -19.76 -3.82
CA ALA A 56 -29.00 -20.56 -2.63
C ALA A 56 -28.97 -19.69 -1.38
N ALA A 57 -29.76 -20.06 -0.38
CA ALA A 57 -29.87 -19.20 0.81
C ALA A 57 -30.07 -20.03 2.07
N ARG A 58 -30.55 -19.43 3.14
CA ARG A 58 -30.83 -20.17 4.35
C ARG A 58 -32.11 -20.99 4.17
N ASP A 59 -32.02 -22.28 4.47
CA ASP A 59 -33.16 -23.18 4.41
C ASP A 59 -33.82 -23.32 3.04
N HIS A 60 -33.27 -22.66 2.02
CA HIS A 60 -33.91 -22.65 0.69
C HIS A 60 -32.97 -22.47 -0.48
N ILE A 61 -33.44 -22.92 -1.64
CA ILE A 61 -32.96 -22.47 -2.93
C ILE A 61 -34.17 -21.95 -3.70
N TYR A 62 -34.15 -20.67 -4.06
CA TYR A 62 -35.21 -20.13 -4.92
C TYR A 62 -34.78 -20.23 -6.36
N THR A 63 -35.74 -20.30 -7.27
CA THR A 63 -35.42 -20.24 -8.68
C THR A 63 -36.24 -19.14 -9.30
N VAL A 64 -35.65 -18.50 -10.30
CA VAL A 64 -36.32 -17.49 -11.09
C VAL A 64 -36.19 -17.90 -12.55
N ASP A 65 -37.32 -17.99 -13.23
CA ASP A 65 -37.29 -18.30 -14.65
C ASP A 65 -36.98 -17.03 -15.45
N ILE A 66 -35.71 -16.86 -15.76
CA ILE A 66 -35.20 -15.62 -16.35
C ILE A 66 -36.03 -15.06 -17.51
N ASP A 67 -36.41 -15.90 -18.46
CA ASP A 67 -37.02 -15.39 -19.69
C ASP A 67 -38.46 -14.94 -19.55
N THR A 68 -39.14 -15.34 -18.47
CA THR A 68 -40.52 -14.93 -18.27
C THR A 68 -40.66 -13.90 -17.15
N SER A 69 -39.55 -13.41 -16.63
CA SER A 69 -39.60 -12.44 -15.55
C SER A 69 -39.43 -11.01 -16.07
N HIS A 70 -40.51 -10.23 -16.04
CA HIS A 70 -40.49 -8.86 -16.56
C HIS A 70 -41.04 -7.79 -15.62
N THR A 71 -41.52 -8.21 -14.46
CA THR A 71 -42.08 -7.31 -13.46
C THR A 71 -40.99 -6.56 -12.68
N GLU A 72 -41.37 -5.47 -12.01
CA GLU A 72 -40.44 -4.68 -11.20
C GLU A 72 -39.97 -5.43 -9.96
N GLU A 73 -40.85 -6.22 -9.37
CA GLU A 73 -40.41 -7.16 -8.36
C GLU A 73 -40.23 -8.50 -9.04
N ILE A 74 -39.03 -9.06 -8.92
CA ILE A 74 -38.73 -10.36 -9.49
C ILE A 74 -39.31 -11.42 -8.56
N TYR A 75 -40.19 -12.26 -9.10
CA TYR A 75 -40.83 -13.28 -8.26
C TYR A 75 -40.15 -14.63 -8.37
N CYS A 76 -40.09 -15.30 -7.22
CA CYS A 76 -39.69 -16.67 -7.16
C CYS A 76 -40.62 -17.51 -8.05
N SER A 77 -40.06 -18.46 -8.79
CA SER A 77 -40.84 -19.33 -9.64
C SER A 77 -41.07 -20.70 -8.98
N LYS A 78 -39.98 -21.37 -8.60
CA LYS A 78 -40.03 -22.60 -7.80
C LYS A 78 -39.19 -22.41 -6.54
N LYS A 79 -39.59 -23.06 -5.46
CA LYS A 79 -38.86 -22.96 -4.21
C LYS A 79 -38.51 -24.32 -3.66
N LEU A 80 -37.22 -24.56 -3.43
CA LEU A 80 -36.76 -25.75 -2.74
C LEU A 80 -36.62 -25.43 -1.26
N THR A 81 -37.21 -26.26 -0.41
CA THR A 81 -37.16 -26.07 1.03
C THR A 81 -36.46 -27.25 1.70
N TRP A 82 -35.45 -26.92 2.50
CA TRP A 82 -34.68 -27.90 3.27
C TRP A 82 -34.24 -27.24 4.59
N LYS A 83 -35.05 -27.44 5.61
CA LYS A 83 -34.77 -26.94 6.95
C LYS A 83 -34.12 -28.05 7.74
N SER A 84 -33.20 -27.68 8.63
CA SER A 84 -32.58 -28.64 9.53
C SER A 84 -33.64 -29.30 10.41
N ARG A 85 -33.47 -30.58 10.70
CA ARG A 85 -34.28 -31.25 11.72
C ARG A 85 -34.11 -30.55 13.06
N GLN A 86 -35.20 -30.48 13.82
CA GLN A 86 -35.14 -29.81 15.11
C GLN A 86 -34.05 -30.40 16.02
N ALA A 87 -33.82 -31.71 15.89
CA ALA A 87 -32.82 -32.36 16.72
C ALA A 87 -31.41 -31.79 16.44
N ASP A 88 -31.12 -31.50 15.17
CA ASP A 88 -29.86 -30.84 14.83
C ASP A 88 -29.76 -29.38 15.28
N VAL A 89 -30.86 -28.64 15.17
CA VAL A 89 -30.88 -27.27 15.67
C VAL A 89 -30.55 -27.26 17.18
N ASP A 90 -31.26 -28.06 17.96
CA ASP A 90 -31.02 -28.09 19.39
C ASP A 90 -29.56 -28.47 19.73
N THR A 91 -29.02 -29.44 19.00
CA THR A 91 -27.67 -29.92 19.22
C THR A 91 -26.71 -28.78 18.94
N CYS A 92 -26.95 -28.08 17.82
CA CYS A 92 -26.18 -26.90 17.45
C CYS A 92 -26.15 -25.85 18.57
N ARG A 93 -27.30 -25.60 19.20
CA ARG A 93 -27.36 -24.60 20.27
C ARG A 93 -26.62 -25.07 21.53
N MET A 94 -26.75 -26.35 21.86
CA MET A 94 -26.06 -26.89 23.03
C MET A 94 -24.53 -26.81 22.91
N LYS A 95 -24.00 -26.91 21.70
CA LYS A 95 -22.56 -26.71 21.47
C LYS A 95 -22.16 -25.24 21.47
N GLY A 96 -23.11 -24.38 21.85
CA GLY A 96 -22.80 -22.98 22.06
C GLY A 96 -22.91 -22.05 20.85
N LYS A 97 -23.36 -22.55 19.71
CA LYS A 97 -23.64 -21.70 18.56
C LYS A 97 -24.97 -20.92 18.70
N HIS A 98 -25.08 -19.81 17.98
CA HIS A 98 -26.18 -18.87 18.18
C HIS A 98 -27.39 -19.27 17.35
N LYS A 99 -28.53 -18.71 17.72
CA LYS A 99 -29.79 -19.04 17.06
C LYS A 99 -29.77 -18.73 15.54
N ASP A 100 -29.20 -17.60 15.14
CA ASP A 100 -29.23 -17.23 13.71
C ASP A 100 -28.36 -18.12 12.83
N GLU A 101 -27.34 -18.74 13.41
CA GLU A 101 -26.39 -19.52 12.62
C GLU A 101 -26.71 -21.02 12.62
N CYS A 102 -27.55 -21.45 13.57
CA CYS A 102 -28.00 -22.85 13.63
C CYS A 102 -29.22 -23.12 12.71
N HIS A 103 -29.00 -22.93 11.41
CA HIS A 103 -29.97 -23.28 10.37
C HIS A 103 -29.19 -23.96 9.25
N ASN A 104 -29.90 -24.37 8.21
CA ASN A 104 -29.27 -25.00 7.06
C ASN A 104 -28.94 -24.00 5.94
N PHE A 105 -27.71 -23.52 5.90
CA PHE A 105 -27.35 -22.60 4.84
C PHE A 105 -26.80 -23.35 3.64
N ILE A 106 -27.42 -23.17 2.47
CA ILE A 106 -26.97 -23.90 1.29
C ILE A 106 -25.66 -23.32 0.78
N LYS A 107 -24.61 -24.12 0.73
CA LYS A 107 -23.27 -23.63 0.41
C LYS A 107 -22.68 -24.37 -0.79
N VAL A 108 -23.34 -25.45 -1.19
CA VAL A 108 -22.95 -26.18 -2.39
C VAL A 108 -24.19 -26.42 -3.22
N LEU A 109 -24.15 -25.98 -4.47
CA LEU A 109 -25.23 -26.23 -5.42
C LEU A 109 -24.65 -26.53 -6.82
N LEU A 110 -24.69 -27.79 -7.24
CA LEU A 110 -24.04 -28.14 -8.50
C LEU A 110 -24.96 -28.92 -9.40
N LYS A 111 -24.80 -28.70 -10.70
CA LYS A 111 -25.44 -29.53 -11.70
C LYS A 111 -24.65 -30.83 -11.79
N LYS A 112 -25.25 -31.93 -11.33
CA LYS A 112 -24.60 -33.23 -11.40
C LYS A 112 -24.78 -33.75 -12.82
N ASN A 113 -26.00 -33.59 -13.33
CA ASN A 113 -26.30 -33.84 -14.74
C ASN A 113 -27.60 -33.11 -15.12
N ASP A 114 -28.16 -33.47 -16.27
CA ASP A 114 -29.31 -32.74 -16.79
C ASP A 114 -30.55 -32.83 -15.91
N ASP A 115 -30.64 -33.91 -15.15
CA ASP A 115 -31.82 -34.17 -14.31
C ASP A 115 -31.53 -33.98 -12.82
N THR A 116 -30.28 -33.73 -12.47
CA THR A 116 -29.86 -33.85 -11.07
C THR A 116 -29.02 -32.68 -10.53
N LEU A 117 -29.48 -32.12 -9.42
CA LEU A 117 -28.71 -31.17 -8.64
C LEU A 117 -28.12 -31.84 -7.40
N PHE A 118 -26.87 -31.51 -7.11
CA PHE A 118 -26.21 -31.97 -5.90
C PHE A 118 -26.15 -30.76 -4.99
N VAL A 119 -26.76 -30.89 -3.81
CA VAL A 119 -26.98 -29.78 -2.88
C VAL A 119 -26.42 -30.11 -1.48
N CYS A 120 -25.59 -29.23 -0.93
CA CYS A 120 -25.06 -29.40 0.42
C CYS A 120 -25.35 -28.16 1.26
N GLY A 121 -25.72 -28.36 2.52
CA GLY A 121 -26.00 -27.25 3.41
C GLY A 121 -25.25 -27.44 4.70
N THR A 122 -24.97 -26.33 5.40
CA THR A 122 -24.31 -26.36 6.69
C THR A 122 -25.11 -27.16 7.69
N ASN A 123 -26.43 -27.25 7.47
CA ASN A 123 -27.30 -28.06 8.32
C ASN A 123 -27.07 -27.88 9.83
N ALA A 124 -27.08 -26.64 10.30
CA ALA A 124 -26.85 -26.36 11.73
C ALA A 124 -25.54 -26.96 12.27
N PHE A 125 -24.43 -26.61 11.64
CA PHE A 125 -23.12 -27.14 12.00
C PHE A 125 -23.06 -28.67 12.03
N ASN A 126 -23.71 -29.29 11.06
CA ASN A 126 -23.64 -30.72 10.84
C ASN A 126 -23.84 -30.97 9.34
N PRO A 127 -22.84 -30.59 8.53
CA PRO A 127 -22.98 -30.47 7.07
C PRO A 127 -23.47 -31.77 6.43
N SER A 128 -24.35 -31.64 5.44
CA SER A 128 -25.08 -32.74 4.85
C SER A 128 -25.30 -32.44 3.36
N CYS A 129 -25.33 -33.48 2.54
CA CYS A 129 -25.54 -33.33 1.09
C CYS A 129 -26.69 -34.21 0.60
N ARG A 130 -27.39 -33.77 -0.46
CA ARG A 130 -28.47 -34.55 -1.09
C ARG A 130 -28.49 -34.38 -2.61
N ASN A 131 -29.05 -35.37 -3.30
CA ASN A 131 -29.43 -35.24 -4.70
C ASN A 131 -30.83 -34.64 -4.79
N TYR A 132 -31.03 -33.67 -5.68
CA TYR A 132 -32.38 -33.13 -5.92
C TYR A 132 -32.73 -33.23 -7.39
N ARG A 133 -33.99 -33.53 -7.67
CA ARG A 133 -34.49 -33.54 -9.04
C ARG A 133 -34.57 -32.11 -9.55
N VAL A 134 -34.05 -31.88 -10.74
CA VAL A 134 -34.09 -30.53 -11.33
C VAL A 134 -35.52 -30.04 -11.54
N ASP A 135 -36.39 -30.91 -12.04
CA ASP A 135 -37.74 -30.53 -12.43
C ASP A 135 -38.70 -30.28 -11.26
N THR A 136 -38.58 -31.06 -10.19
CA THR A 136 -39.51 -30.95 -9.06
C THR A 136 -38.85 -30.37 -7.80
N LEU A 137 -37.52 -30.27 -7.82
CA LEU A 137 -36.78 -29.77 -6.68
C LEU A 137 -37.13 -30.57 -5.41
N GLU A 138 -37.34 -31.87 -5.61
CA GLU A 138 -37.54 -32.79 -4.51
C GLU A 138 -36.34 -33.72 -4.43
N THR A 139 -35.92 -34.05 -3.21
CA THR A 139 -34.76 -34.91 -3.02
C THR A 139 -35.13 -36.38 -3.30
N PHE A 140 -34.14 -37.19 -3.67
CA PHE A 140 -34.34 -38.64 -3.86
C PHE A 140 -33.07 -39.38 -3.43
N GLY A 141 -33.24 -40.58 -2.90
CA GLY A 141 -32.08 -41.37 -2.47
C GLY A 141 -31.68 -41.06 -1.03
N ASP A 142 -30.63 -41.72 -0.57
CA ASP A 142 -30.10 -41.51 0.76
C ASP A 142 -29.43 -40.13 0.83
N GLU A 143 -29.48 -39.50 2.00
CA GLU A 143 -28.62 -38.38 2.30
C GLU A 143 -27.15 -38.82 2.24
N PHE A 144 -26.27 -37.88 1.88
CA PHE A 144 -24.83 -38.13 1.89
C PHE A 144 -24.20 -37.37 3.06
N SER A 145 -23.13 -37.91 3.63
CA SER A 145 -22.36 -37.16 4.59
C SER A 145 -21.86 -35.87 3.96
N GLY A 146 -21.72 -34.82 4.77
CA GLY A 146 -21.31 -33.52 4.28
C GLY A 146 -19.89 -33.16 4.70
N MET A 147 -19.34 -33.94 5.63
CA MET A 147 -18.01 -33.67 6.16
C MET A 147 -16.95 -33.63 5.06
N ALA A 148 -16.18 -32.55 5.01
CA ALA A 148 -15.13 -32.32 4.01
C ALA A 148 -15.71 -31.90 2.65
N ARG A 149 -17.03 -31.86 2.55
CA ARG A 149 -17.72 -31.51 1.30
C ARG A 149 -18.36 -30.14 1.43
N CYS A 150 -18.63 -29.74 2.67
CA CYS A 150 -19.41 -28.55 2.95
C CYS A 150 -19.04 -28.00 4.33
N PRO A 151 -18.91 -26.68 4.45
CA PRO A 151 -18.55 -26.10 5.75
C PRO A 151 -19.64 -26.26 6.80
N TYR A 152 -19.27 -26.07 8.08
CA TYR A 152 -20.24 -26.06 9.17
C TYR A 152 -20.85 -24.66 9.30
N ASP A 153 -20.02 -23.64 9.04
CA ASP A 153 -20.35 -22.25 9.33
C ASP A 153 -20.61 -21.52 8.02
N ALA A 154 -21.79 -20.92 7.89
CA ALA A 154 -22.14 -20.26 6.62
C ALA A 154 -21.21 -19.10 6.24
N LYS A 155 -20.56 -18.51 7.23
CA LYS A 155 -19.60 -17.42 6.97
C LYS A 155 -18.32 -17.87 6.28
N HIS A 156 -18.06 -19.18 6.22
CA HIS A 156 -16.79 -19.69 5.66
C HIS A 156 -16.86 -19.80 4.15
N ALA A 157 -15.71 -19.65 3.50
CA ALA A 157 -15.59 -19.75 2.05
C ALA A 157 -15.26 -21.20 1.68
N ASN A 158 -15.86 -21.71 0.62
CA ASN A 158 -15.68 -23.13 0.31
C ASN A 158 -15.68 -23.34 -1.18
N ILE A 159 -15.09 -24.44 -1.62
CA ILE A 159 -15.05 -24.79 -3.02
C ILE A 159 -15.72 -26.15 -3.21
N ALA A 160 -16.53 -26.29 -4.27
CA ALA A 160 -16.99 -27.61 -4.70
C ALA A 160 -17.16 -27.60 -6.20
N LEU A 161 -16.75 -28.70 -6.82
CA LEU A 161 -16.79 -28.77 -8.27
C LEU A 161 -16.83 -30.25 -8.67
N PHE A 162 -17.67 -30.60 -9.64
CA PHE A 162 -17.60 -31.93 -10.25
C PHE A 162 -16.73 -31.94 -11.51
N ALA A 163 -15.91 -32.97 -11.64
CA ALA A 163 -15.23 -33.23 -12.91
C ALA A 163 -15.21 -34.72 -13.12
N ASP A 164 -15.75 -35.16 -14.25
CA ASP A 164 -15.83 -36.59 -14.56
C ASP A 164 -16.47 -37.38 -13.42
N GLY A 165 -17.56 -36.85 -12.87
CA GLY A 165 -18.27 -37.55 -11.80
C GLY A 165 -17.59 -37.46 -10.44
N LYS A 166 -16.36 -36.98 -10.38
CA LYS A 166 -15.70 -36.83 -9.08
C LYS A 166 -15.98 -35.47 -8.44
N LEU A 167 -16.22 -35.47 -7.13
CA LEU A 167 -16.45 -34.21 -6.44
C LEU A 167 -15.17 -33.71 -5.77
N TYR A 168 -14.72 -32.54 -6.22
CA TYR A 168 -13.58 -31.84 -5.65
C TYR A 168 -14.11 -30.77 -4.70
N SER A 169 -13.60 -30.76 -3.46
CA SER A 169 -14.08 -29.80 -2.47
C SER A 169 -12.96 -29.23 -1.61
N ALA A 170 -13.19 -28.06 -1.02
CA ALA A 170 -12.22 -27.46 -0.12
C ALA A 170 -12.96 -26.71 0.96
N THR A 171 -12.69 -27.08 2.20
CA THR A 171 -13.40 -26.54 3.34
C THR A 171 -12.68 -27.08 4.56
N VAL A 172 -13.30 -27.02 5.73
CA VAL A 172 -12.72 -27.66 6.91
C VAL A 172 -13.51 -28.94 7.25
N THR A 173 -12.85 -29.97 7.76
CA THR A 173 -13.56 -31.22 8.07
C THR A 173 -14.25 -31.18 9.43
N ASP A 174 -13.82 -30.26 10.29
CA ASP A 174 -14.22 -30.26 11.68
C ASP A 174 -15.05 -29.04 12.15
N PHE A 175 -15.91 -29.30 13.13
CA PHE A 175 -16.65 -28.26 13.85
C PHE A 175 -15.77 -27.07 14.30
N LEU A 176 -14.58 -27.36 14.79
CA LEU A 176 -13.70 -26.30 15.29
C LEU A 176 -12.95 -25.54 14.17
N ALA A 177 -13.12 -26.00 12.93
CA ALA A 177 -12.60 -25.28 11.76
C ALA A 177 -11.07 -25.25 11.74
N ILE A 178 -10.44 -26.26 12.35
CA ILE A 178 -8.99 -26.38 12.41
C ILE A 178 -8.38 -27.18 11.26
N ASP A 179 -9.12 -28.16 10.76
CA ASP A 179 -8.58 -29.09 9.76
C ASP A 179 -9.05 -28.72 8.35
N ALA A 180 -8.44 -27.67 7.80
CA ALA A 180 -8.68 -27.24 6.43
C ALA A 180 -8.12 -28.29 5.47
N VAL A 181 -8.85 -28.54 4.38
CA VAL A 181 -8.53 -29.69 3.55
C VAL A 181 -8.88 -29.40 2.09
N ILE A 182 -8.08 -29.90 1.16
CA ILE A 182 -8.52 -30.04 -0.22
C ILE A 182 -8.82 -31.53 -0.44
N TYR A 183 -9.99 -31.83 -0.97
CA TYR A 183 -10.57 -33.16 -0.82
C TYR A 183 -11.21 -33.58 -2.12
N ARG A 184 -11.22 -34.89 -2.38
CA ARG A 184 -11.97 -35.48 -3.48
C ARG A 184 -12.75 -36.71 -3.03
N SER A 185 -13.96 -36.87 -3.54
CA SER A 185 -14.79 -38.03 -3.20
C SER A 185 -15.80 -38.29 -4.31
N LEU A 186 -16.54 -39.40 -4.19
CA LEU A 186 -17.54 -39.81 -5.19
C LEU A 186 -16.90 -40.24 -6.50
N GLY A 187 -17.70 -40.44 -7.53
CA GLY A 187 -17.19 -40.84 -8.83
C GLY A 187 -16.56 -42.23 -8.89
N ASP A 188 -16.89 -43.09 -7.93
CA ASP A 188 -16.35 -44.45 -7.90
C ASP A 188 -14.83 -44.50 -7.89
N SER A 189 -14.22 -43.51 -7.23
CA SER A 189 -12.78 -43.42 -7.14
C SER A 189 -12.45 -43.24 -5.67
N PRO A 190 -11.21 -43.58 -5.28
CA PRO A 190 -10.81 -43.45 -3.88
C PRO A 190 -10.98 -42.00 -3.43
N THR A 191 -11.29 -41.80 -2.15
CA THR A 191 -11.31 -40.44 -1.63
C THR A 191 -9.89 -40.03 -1.35
N LEU A 192 -9.54 -38.80 -1.73
CA LEU A 192 -8.21 -38.30 -1.45
C LEU A 192 -8.29 -37.03 -0.64
N ARG A 193 -7.30 -36.82 0.24
CA ARG A 193 -7.19 -35.59 1.00
C ARG A 193 -5.72 -35.12 1.11
N THR A 194 -5.53 -33.83 1.36
CA THR A 194 -4.23 -33.26 1.72
C THR A 194 -3.80 -33.75 3.10
N VAL A 195 -2.50 -33.78 3.36
CA VAL A 195 -1.99 -34.40 4.59
C VAL A 195 -2.38 -33.59 5.81
N LYS A 196 -3.13 -34.23 6.71
CA LYS A 196 -3.69 -33.53 7.87
C LYS A 196 -2.61 -32.88 8.74
N HIS A 197 -2.85 -31.65 9.17
CA HIS A 197 -1.94 -30.93 10.08
C HIS A 197 -0.56 -30.64 9.49
N ASP A 198 -0.47 -30.57 8.16
CA ASP A 198 0.84 -30.36 7.55
C ASP A 198 0.94 -28.97 6.90
N SER A 199 1.65 -28.07 7.57
CA SER A 199 1.79 -26.67 7.20
C SER A 199 2.47 -26.44 5.84
N LYS A 200 3.21 -27.43 5.37
CA LYS A 200 3.84 -27.29 4.07
C LYS A 200 2.80 -27.49 2.98
N TRP A 201 1.76 -28.26 3.26
CA TRP A 201 0.67 -28.45 2.30
C TRP A 201 -0.32 -27.29 2.35
N LEU A 202 -0.83 -26.99 3.54
CA LEU A 202 -1.78 -25.89 3.70
C LEU A 202 -1.52 -25.19 5.03
N LYS A 203 -1.35 -23.86 4.98
CA LYS A 203 -1.15 -23.12 6.21
C LYS A 203 -2.23 -22.04 6.36
N GLU A 204 -3.29 -22.39 7.10
CA GLU A 204 -4.46 -21.54 7.27
C GLU A 204 -5.01 -20.98 5.96
N PRO A 205 -5.39 -21.88 5.05
CA PRO A 205 -5.84 -21.44 3.72
C PRO A 205 -7.19 -20.76 3.81
N TYR A 206 -7.48 -19.94 2.80
CA TYR A 206 -8.80 -19.38 2.61
C TYR A 206 -9.11 -19.66 1.16
N PHE A 207 -10.10 -20.52 0.92
CA PHE A 207 -10.35 -21.10 -0.41
C PHE A 207 -11.22 -20.22 -1.30
N VAL A 208 -10.82 -20.05 -2.55
CA VAL A 208 -11.43 -19.03 -3.41
C VAL A 208 -12.14 -19.58 -4.66
N GLN A 209 -11.52 -20.56 -5.32
CA GLN A 209 -12.02 -20.98 -6.62
C GLN A 209 -11.31 -22.26 -7.08
N ALA A 210 -12.03 -23.16 -7.76
CA ALA A 210 -11.37 -24.22 -8.55
C ALA A 210 -11.82 -24.25 -10.01
N VAL A 211 -10.92 -24.67 -10.91
CA VAL A 211 -11.30 -24.86 -12.30
C VAL A 211 -10.81 -26.21 -12.83
N ASP A 212 -11.55 -26.72 -13.82
CA ASP A 212 -11.21 -27.97 -14.44
C ASP A 212 -10.56 -27.61 -15.78
N TYR A 213 -9.28 -27.96 -15.92
CA TYR A 213 -8.54 -27.66 -17.15
C TYR A 213 -7.52 -28.72 -17.56
N GLY A 214 -7.69 -29.27 -18.76
CA GLY A 214 -6.82 -30.34 -19.26
C GLY A 214 -6.85 -31.54 -18.33
N ASP A 215 -5.67 -31.98 -17.89
CA ASP A 215 -5.53 -33.16 -17.08
C ASP A 215 -5.63 -32.87 -15.59
N TYR A 216 -5.89 -31.61 -15.27
CA TYR A 216 -5.77 -31.16 -13.88
C TYR A 216 -7.04 -30.48 -13.35
N ILE A 217 -7.17 -30.46 -12.04
CA ILE A 217 -8.02 -29.48 -11.37
C ILE A 217 -7.06 -28.45 -10.77
N TYR A 218 -7.35 -27.16 -10.95
CA TYR A 218 -6.55 -26.11 -10.31
C TYR A 218 -7.38 -25.44 -9.22
N PHE A 219 -6.77 -25.27 -8.05
CA PHE A 219 -7.39 -24.61 -6.91
C PHE A 219 -6.72 -23.27 -6.70
N PHE A 220 -7.53 -22.26 -6.46
CA PHE A 220 -7.05 -20.93 -6.10
C PHE A 220 -7.41 -20.60 -4.66
N PHE A 221 -6.45 -20.04 -3.94
CA PHE A 221 -6.64 -19.80 -2.51
C PHE A 221 -5.53 -18.93 -1.96
N ARG A 222 -5.71 -18.48 -0.73
CA ARG A 222 -4.61 -17.76 -0.07
C ARG A 222 -4.23 -18.48 1.22
N GLU A 223 -3.00 -18.26 1.71
CA GLU A 223 -2.53 -18.96 2.92
C GLU A 223 -1.37 -18.19 3.49
N ILE A 224 -1.01 -18.49 4.75
CA ILE A 224 0.17 -17.91 5.36
C ILE A 224 1.37 -18.46 4.60
N ALA A 225 2.27 -17.60 4.18
CA ALA A 225 3.38 -18.01 3.34
C ALA A 225 4.55 -18.51 4.19
N VAL A 226 4.98 -19.76 3.93
CA VAL A 226 6.14 -20.32 4.60
C VAL A 226 7.45 -19.68 4.08
N GLU A 227 7.41 -19.08 2.89
CA GLU A 227 8.57 -18.35 2.38
C GLU A 227 8.86 -17.10 3.20
N TYR A 228 8.11 -16.89 4.27
CA TYR A 228 8.28 -15.70 5.10
C TYR A 228 8.45 -15.98 6.59
N ASN A 229 8.66 -17.24 6.96
CA ASN A 229 8.84 -17.61 8.37
C ASN A 229 9.77 -16.64 9.11
N GLY A 232 6.95 -11.35 9.29
CA GLY A 232 6.65 -12.40 10.25
C GLY A 232 5.51 -13.31 9.82
N LYS A 233 4.33 -12.74 9.57
CA LYS A 233 3.16 -13.52 9.18
C LYS A 233 2.48 -12.91 7.96
N VAL A 234 2.86 -13.39 6.78
CA VAL A 234 2.42 -12.80 5.52
C VAL A 234 1.55 -13.78 4.73
N VAL A 235 0.45 -13.27 4.20
CA VAL A 235 -0.46 -14.05 3.36
C VAL A 235 -0.07 -13.95 1.87
N PHE A 236 0.10 -15.10 1.21
CA PHE A 236 0.35 -15.15 -0.24
C PHE A 236 -0.85 -15.75 -0.99
N PRO A 237 -1.05 -15.31 -2.22
CA PRO A 237 -2.06 -15.94 -3.07
C PRO A 237 -1.45 -17.16 -3.75
N ARG A 238 -2.24 -18.24 -3.89
CA ARG A 238 -1.74 -19.51 -4.44
C ARG A 238 -2.63 -20.10 -5.53
N VAL A 239 -2.01 -20.86 -6.45
CA VAL A 239 -2.76 -21.80 -7.28
C VAL A 239 -2.12 -23.18 -7.10
N ALA A 240 -2.95 -24.23 -7.05
CA ALA A 240 -2.43 -25.60 -6.94
C ALA A 240 -3.00 -26.50 -8.01
N GLN A 241 -2.22 -27.49 -8.43
CA GLN A 241 -2.71 -28.56 -9.31
C GLN A 241 -2.93 -29.84 -8.53
N VAL A 242 -3.91 -30.64 -8.97
CA VAL A 242 -3.93 -32.08 -8.68
C VAL A 242 -4.25 -32.77 -10.00
N CYS A 243 -3.76 -33.99 -10.17
CA CYS A 243 -4.08 -34.80 -11.34
C CYS A 243 -5.52 -35.35 -11.23
N LYS A 244 -6.28 -35.23 -12.31
CA LYS A 244 -7.63 -35.79 -12.32
C LYS A 244 -7.64 -37.29 -12.07
N ASN A 245 -6.59 -37.97 -12.50
CA ASN A 245 -6.58 -39.46 -12.45
C ASN A 245 -5.84 -39.96 -11.22
N ASP A 246 -5.55 -39.05 -10.29
CA ASP A 246 -4.84 -39.43 -9.06
C ASP A 246 -5.58 -40.56 -8.33
N MET A 247 -4.83 -41.57 -7.87
CA MET A 247 -5.43 -42.69 -7.15
C MET A 247 -4.91 -42.84 -5.72
N GLY A 248 -4.09 -41.90 -5.27
CA GLY A 248 -3.52 -41.95 -3.95
C GLY A 248 -2.17 -42.64 -3.99
N GLY A 249 -1.49 -42.67 -2.84
CA GLY A 249 -0.15 -43.21 -2.76
C GLY A 249 -0.12 -44.72 -2.61
N SER A 250 1.07 -45.25 -2.34
CA SER A 250 1.24 -46.67 -2.12
C SER A 250 0.86 -47.00 -0.69
N GLN A 251 0.93 -48.27 -0.33
CA GLN A 251 0.78 -48.70 1.07
C GLN A 251 1.83 -48.12 2.01
N ARG A 252 2.97 -47.69 1.48
CA ARG A 252 4.05 -47.17 2.31
C ARG A 252 4.10 -45.65 2.38
N VAL A 253 3.60 -44.96 1.35
CA VAL A 253 3.72 -43.51 1.30
C VAL A 253 2.51 -42.86 0.66
N LEU A 254 1.97 -41.86 1.35
CA LEU A 254 0.83 -41.08 0.89
C LEU A 254 -0.39 -41.91 0.54
N GLU A 255 -0.56 -43.02 1.27
CA GLU A 255 -1.79 -43.79 1.14
C GLU A 255 -3.02 -42.94 1.46
N LYS A 256 -4.01 -42.94 0.58
CA LYS A 256 -5.23 -42.14 0.79
C LYS A 256 -5.03 -40.61 0.67
N GLN A 257 -3.83 -40.18 0.29
CA GLN A 257 -3.55 -38.77 0.13
C GLN A 257 -3.18 -38.44 -1.33
N TRP A 258 -3.29 -37.17 -1.69
CA TRP A 258 -2.88 -36.74 -3.03
C TRP A 258 -1.45 -37.15 -3.31
N THR A 259 -1.16 -37.53 -4.55
CA THR A 259 0.21 -37.80 -4.94
C THR A 259 0.66 -36.82 -6.02
N SER A 260 -0.19 -35.83 -6.30
CA SER A 260 0.05 -34.86 -7.38
C SER A 260 -0.12 -33.41 -6.91
N PHE A 261 -0.27 -33.20 -5.61
CA PHE A 261 -0.55 -31.85 -5.09
C PHE A 261 0.69 -30.96 -5.07
N LEU A 262 0.64 -29.89 -5.87
CA LEU A 262 1.72 -28.93 -5.98
C LEU A 262 1.09 -27.54 -6.05
N LYS A 263 1.79 -26.53 -5.56
CA LYS A 263 1.24 -25.18 -5.53
C LYS A 263 2.32 -24.14 -5.80
N ALA A 264 1.89 -22.96 -6.23
CA ALA A 264 2.82 -21.87 -6.50
C ALA A 264 2.18 -20.53 -6.15
N ARG A 265 3.01 -19.61 -5.69
CA ARG A 265 2.60 -18.23 -5.51
C ARG A 265 2.09 -17.65 -6.83
N LEU A 266 1.00 -16.91 -6.77
CA LEU A 266 0.55 -16.06 -7.90
C LEU A 266 1.19 -14.67 -7.84
N ASN A 267 1.76 -14.24 -8.96
CA ASN A 267 2.40 -12.92 -9.05
C ASN A 267 1.45 -11.88 -9.64
N CYS A 268 0.93 -11.01 -8.78
CA CYS A 268 0.21 -9.84 -9.25
C CYS A 268 0.89 -8.60 -8.69
N SER A 269 1.76 -8.00 -9.48
CA SER A 269 2.59 -6.92 -8.99
C SER A 269 2.65 -5.73 -9.93
N VAL A 270 2.98 -4.59 -9.33
CA VAL A 270 3.27 -3.38 -10.07
C VAL A 270 4.79 -3.23 -10.17
N PRO A 271 5.31 -3.23 -11.40
CA PRO A 271 6.75 -3.14 -11.68
C PRO A 271 7.37 -1.82 -11.18
N GLY A 272 8.45 -1.92 -10.41
CA GLY A 272 9.14 -0.73 -9.93
C GLY A 272 10.55 -0.97 -9.41
N ASP A 273 11.11 0.04 -8.75
CA ASP A 273 12.43 -0.07 -8.13
C ASP A 273 12.36 -0.94 -6.87
N SER A 274 11.62 -2.03 -6.99
CA SER A 274 11.20 -2.89 -5.89
C SER A 274 9.72 -3.17 -6.10
N HIS A 275 9.38 -4.41 -6.42
CA HIS A 275 8.00 -4.72 -6.80
C HIS A 275 7.01 -4.56 -5.65
N PHE A 276 5.80 -4.11 -5.99
CA PHE A 276 4.72 -4.04 -5.02
C PHE A 276 3.66 -5.08 -5.36
N TYR A 277 3.44 -6.00 -4.42
CA TYR A 277 2.54 -7.13 -4.63
C TYR A 277 1.15 -6.95 -4.01
N PHE A 278 0.13 -7.37 -4.74
CA PHE A 278 -1.23 -7.52 -4.21
C PHE A 278 -1.41 -8.99 -3.80
N ASN A 279 -1.49 -9.25 -2.50
CA ASN A 279 -1.43 -10.61 -1.99
C ASN A 279 -2.79 -11.23 -1.61
N ILE A 280 -3.78 -10.41 -1.27
CA ILE A 280 -5.03 -10.96 -0.71
C ILE A 280 -6.03 -11.26 -1.83
N LEU A 281 -5.96 -12.50 -2.31
CA LEU A 281 -6.80 -12.96 -3.42
C LEU A 281 -8.30 -12.95 -3.05
N GLN A 282 -9.13 -12.32 -3.87
CA GLN A 282 -10.55 -12.17 -3.56
C GLN A 282 -11.45 -13.11 -4.38
N ALA A 283 -11.18 -13.21 -5.68
CA ALA A 283 -11.99 -14.04 -6.56
C ALA A 283 -11.22 -14.40 -7.82
N VAL A 284 -11.64 -15.47 -8.47
CA VAL A 284 -11.04 -15.91 -9.73
C VAL A 284 -12.18 -16.39 -10.63
N THR A 285 -12.16 -16.03 -11.91
CA THR A 285 -13.19 -16.47 -12.83
C THR A 285 -13.00 -17.94 -13.19
N ASP A 286 -14.00 -18.52 -13.86
CA ASP A 286 -13.79 -19.76 -14.59
C ASP A 286 -12.78 -19.47 -15.71
N VAL A 287 -12.32 -20.52 -16.39
CA VAL A 287 -11.44 -20.33 -17.54
C VAL A 287 -12.23 -19.66 -18.66
N ILE A 288 -11.65 -18.64 -19.27
CA ILE A 288 -12.32 -17.94 -20.35
C ILE A 288 -11.39 -17.86 -21.55
N ARG A 289 -11.90 -18.19 -22.72
CA ARG A 289 -11.14 -18.00 -23.94
C ARG A 289 -11.24 -16.53 -24.34
N ILE A 290 -10.13 -15.81 -24.22
CA ILE A 290 -10.08 -14.42 -24.62
C ILE A 290 -8.93 -14.20 -25.61
N ASN A 291 -9.25 -13.92 -26.86
CA ASN A 291 -8.22 -13.61 -27.84
C ASN A 291 -7.27 -14.78 -28.08
N GLY A 292 -7.83 -15.95 -28.40
CA GLY A 292 -7.05 -17.14 -28.66
C GLY A 292 -6.60 -17.90 -27.42
N ARG A 293 -6.43 -17.18 -26.31
CA ARG A 293 -5.84 -17.72 -25.09
C ARG A 293 -6.86 -18.19 -24.06
N ASP A 294 -6.46 -19.18 -23.25
CA ASP A 294 -7.26 -19.63 -22.12
C ASP A 294 -6.73 -18.98 -20.87
N VAL A 295 -7.62 -18.34 -20.12
CA VAL A 295 -7.24 -17.33 -19.14
C VAL A 295 -8.22 -17.33 -17.96
N VAL A 296 -7.75 -16.87 -16.81
CA VAL A 296 -8.64 -16.56 -15.70
C VAL A 296 -8.29 -15.14 -15.30
N LEU A 297 -9.28 -14.40 -14.82
CA LEU A 297 -9.04 -13.10 -14.18
C LEU A 297 -9.19 -13.30 -12.68
N ALA A 298 -8.41 -12.55 -11.91
CA ALA A 298 -8.37 -12.68 -10.46
C ALA A 298 -8.28 -11.29 -9.85
N THR A 299 -9.03 -11.08 -8.77
CA THR A 299 -8.98 -9.83 -8.02
C THR A 299 -8.15 -10.04 -6.77
N PHE A 300 -7.38 -9.01 -6.41
CA PHE A 300 -6.53 -9.01 -5.23
C PHE A 300 -6.68 -7.68 -4.49
N SER A 301 -6.52 -7.71 -3.17
CA SER A 301 -6.42 -6.49 -2.40
C SER A 301 -5.16 -6.54 -1.54
N THR A 302 -4.80 -5.40 -0.95
CA THR A 302 -3.78 -5.36 0.05
C THR A 302 -4.36 -5.86 1.36
N PRO A 303 -3.51 -6.14 2.36
CA PRO A 303 -4.05 -6.65 3.62
C PRO A 303 -5.04 -5.67 4.25
N TYR A 304 -5.90 -6.17 5.11
CA TYR A 304 -6.98 -5.36 5.62
C TYR A 304 -6.48 -4.37 6.67
N ASN A 305 -5.28 -4.61 7.18
CA ASN A 305 -4.66 -3.68 8.13
C ASN A 305 -3.76 -2.66 7.44
N SER A 306 -3.79 -2.66 6.11
CA SER A 306 -2.91 -1.82 5.31
C SER A 306 -3.68 -0.68 4.67
N ILE A 307 -2.98 0.19 3.95
CA ILE A 307 -3.63 1.18 3.10
C ILE A 307 -4.34 0.47 1.94
N PRO A 308 -5.67 0.68 1.81
CA PRO A 308 -6.52 -0.13 0.94
C PRO A 308 -6.19 0.01 -0.54
N GLY A 309 -6.12 -1.10 -1.26
CA GLY A 309 -5.91 -1.06 -2.69
C GLY A 309 -6.30 -2.36 -3.32
N SER A 310 -6.65 -2.32 -4.60
CA SER A 310 -7.16 -3.48 -5.30
C SER A 310 -6.60 -3.53 -6.70
N ALA A 311 -6.50 -4.74 -7.23
CA ALA A 311 -5.99 -4.97 -8.56
C ALA A 311 -6.65 -6.20 -9.19
N VAL A 312 -6.76 -6.16 -10.52
CA VAL A 312 -7.11 -7.33 -11.31
C VAL A 312 -5.89 -7.77 -12.11
N CYS A 313 -5.50 -9.03 -12.00
CA CYS A 313 -4.48 -9.59 -12.88
C CYS A 313 -5.06 -10.75 -13.67
N ALA A 314 -4.53 -10.98 -14.86
CA ALA A 314 -4.95 -12.09 -15.69
C ALA A 314 -3.85 -13.16 -15.79
N TYR A 315 -4.25 -14.43 -15.88
CA TYR A 315 -3.29 -15.52 -15.99
C TYR A 315 -3.67 -16.47 -17.12
N ASP A 316 -2.69 -16.77 -17.97
CA ASP A 316 -2.83 -17.76 -19.04
C ASP A 316 -2.72 -19.14 -18.43
N MET A 317 -3.68 -20.01 -18.69
CA MET A 317 -3.61 -21.37 -18.17
C MET A 317 -2.28 -22.04 -18.55
N LEU A 318 -1.68 -21.61 -19.66
CA LEU A 318 -0.39 -22.14 -20.08
C LEU A 318 0.74 -21.77 -19.12
N ASP A 319 0.78 -20.51 -18.68
CA ASP A 319 1.77 -20.07 -17.70
C ASP A 319 1.57 -20.77 -16.38
N ILE A 320 0.30 -21.02 -16.02
CA ILE A 320 0.01 -21.76 -14.80
C ILE A 320 0.51 -23.21 -14.88
N ALA A 321 0.20 -23.91 -15.97
CA ALA A 321 0.68 -25.28 -16.12
C ALA A 321 2.21 -25.25 -16.06
N ASN A 322 2.80 -24.22 -16.65
CA ASN A 322 4.26 -24.19 -16.82
C ASN A 322 5.04 -24.06 -15.52
N VAL A 323 4.46 -23.38 -14.54
CA VAL A 323 5.14 -23.18 -13.25
C VAL A 323 5.37 -24.52 -12.57
N PHE A 324 4.53 -25.51 -12.89
CA PHE A 324 4.66 -26.80 -12.21
C PHE A 324 5.69 -27.71 -12.87
N THR A 325 6.31 -27.24 -13.96
CA THR A 325 7.40 -27.97 -14.60
C THR A 325 8.77 -27.43 -14.19
N GLY A 326 8.80 -26.41 -13.33
CA GLY A 326 10.05 -25.78 -12.94
C GLY A 326 10.63 -26.37 -11.66
N ARG A 327 11.53 -25.65 -11.01
CA ARG A 327 12.17 -26.21 -9.83
C ARG A 327 11.30 -26.13 -8.56
N PHE A 328 11.52 -27.05 -7.64
CA PHE A 328 10.82 -27.09 -6.36
C PHE A 328 11.57 -26.24 -5.33
N LYS A 329 10.87 -25.83 -4.28
CA LYS A 329 11.49 -24.98 -3.26
C LYS A 329 11.91 -25.82 -2.06
N GLU A 330 12.93 -25.37 -1.32
CA GLU A 330 13.36 -26.07 -0.12
C GLU A 330 14.06 -25.15 0.87
N GLN A 331 14.04 -25.55 2.14
CA GLN A 331 14.92 -24.98 3.16
C GLN A 331 16.07 -25.94 3.39
N LYS A 332 17.27 -25.56 2.99
CA LYS A 332 18.42 -26.43 3.18
C LYS A 332 18.68 -26.72 4.67
N SER A 333 18.45 -25.72 5.50
CA SER A 333 18.52 -25.92 6.95
C SER A 333 17.42 -25.13 7.63
N PRO A 334 17.08 -25.50 8.88
CA PRO A 334 16.02 -24.81 9.62
C PRO A 334 16.27 -23.31 9.78
N ASP A 335 15.22 -22.51 9.62
CA ASP A 335 15.30 -21.06 9.77
C ASP A 335 16.29 -20.42 8.82
N SER A 336 16.28 -20.87 7.57
CA SER A 336 17.10 -20.29 6.53
C SER A 336 16.19 -19.90 5.38
N THR A 337 16.74 -19.15 4.42
CA THR A 337 15.96 -18.74 3.25
C THR A 337 15.61 -19.96 2.39
N TRP A 338 14.58 -19.78 1.56
CA TRP A 338 14.12 -20.81 0.65
C TRP A 338 14.80 -20.71 -0.71
N THR A 339 15.36 -21.83 -1.17
CA THR A 339 16.10 -21.87 -2.42
C THR A 339 15.56 -22.97 -3.34
N PRO A 340 15.86 -22.86 -4.64
CA PRO A 340 15.44 -23.89 -5.60
C PRO A 340 16.26 -25.18 -5.54
N VAL A 341 15.58 -26.30 -5.36
CA VAL A 341 16.17 -27.64 -5.48
C VAL A 341 16.77 -27.85 -6.87
N PRO A 342 18.05 -28.26 -6.95
CA PRO A 342 18.69 -28.61 -8.24
C PRO A 342 17.99 -29.81 -8.85
N ASP A 343 17.82 -29.85 -10.17
CA ASP A 343 17.03 -30.93 -10.76
C ASP A 343 17.65 -32.32 -10.57
N GLU A 344 18.97 -32.37 -10.40
CA GLU A 344 19.66 -33.63 -10.16
C GLU A 344 19.21 -34.28 -8.87
N ARG A 345 18.57 -33.52 -7.99
CA ARG A 345 18.11 -34.10 -6.73
C ARG A 345 16.62 -34.44 -6.76
N VAL A 346 16.02 -34.26 -7.95
CA VAL A 346 14.61 -34.60 -8.14
C VAL A 346 14.46 -36.04 -8.67
N PRO A 347 13.68 -36.86 -7.97
CA PRO A 347 13.52 -38.27 -8.33
C PRO A 347 12.92 -38.43 -9.73
N LYS A 348 13.06 -39.65 -10.26
CA LYS A 348 12.34 -40.09 -11.44
C LYS A 348 11.42 -41.24 -10.99
N PRO A 349 10.14 -41.19 -11.38
CA PRO A 349 9.51 -40.17 -12.23
C PRO A 349 9.29 -38.85 -11.48
N ARG A 350 9.19 -37.75 -12.24
CA ARG A 350 9.05 -36.41 -11.66
C ARG A 350 7.77 -36.30 -10.81
N PRO A 351 7.90 -35.80 -9.57
CA PRO A 351 6.74 -35.55 -8.70
C PRO A 351 5.73 -34.62 -9.38
N GLY A 352 4.44 -34.93 -9.29
CA GLY A 352 3.40 -34.07 -9.84
C GLY A 352 2.96 -34.40 -11.26
N CYS A 353 3.68 -35.28 -11.92
CA CYS A 353 3.29 -35.76 -13.24
C CYS A 353 2.33 -36.94 -13.10
N CYS A 354 1.32 -36.99 -13.97
CA CYS A 354 0.24 -37.98 -13.85
C CYS A 354 0.61 -39.35 -14.40
N ALA A 355 0.15 -40.40 -13.74
CA ALA A 355 0.31 -41.74 -14.26
C ALA A 355 -0.21 -41.79 -15.71
N GLY A 356 0.57 -42.41 -16.60
CA GLY A 356 0.23 -42.49 -18.02
C GLY A 356 0.71 -41.28 -18.83
N SER A 357 1.24 -40.28 -18.12
CA SER A 357 1.90 -39.15 -18.74
C SER A 357 3.13 -39.58 -19.52
N SER A 358 3.62 -38.72 -20.39
CA SER A 358 4.86 -38.99 -21.11
C SER A 358 5.98 -39.46 -20.17
N SER A 359 6.53 -40.64 -20.46
CA SER A 359 7.58 -41.25 -19.63
C SER A 359 7.07 -41.87 -18.31
N LEU A 360 5.78 -41.73 -18.03
CA LEU A 360 5.15 -42.44 -16.90
C LEU A 360 4.17 -43.55 -17.33
N GLU A 361 4.22 -43.94 -18.61
CA GLU A 361 3.31 -44.95 -19.14
C GLU A 361 3.41 -46.29 -18.40
N LYS A 362 4.52 -46.52 -17.70
CA LYS A 362 4.71 -47.78 -17.00
C LYS A 362 3.78 -47.92 -15.79
N TYR A 363 3.27 -46.79 -15.29
CA TYR A 363 2.46 -46.77 -14.08
C TYR A 363 0.98 -46.83 -14.39
N ALA A 364 0.36 -47.95 -14.04
CA ALA A 364 -1.09 -48.11 -14.14
C ALA A 364 -1.79 -47.00 -13.35
N THR A 365 -1.34 -46.77 -12.11
CA THR A 365 -1.88 -45.67 -11.31
C THR A 365 -0.80 -45.16 -10.38
N SER A 366 -1.10 -44.07 -9.70
CA SER A 366 -0.17 -43.48 -8.74
C SER A 366 0.17 -44.44 -7.59
N ASN A 367 -0.70 -45.43 -7.35
CA ASN A 367 -0.41 -46.46 -6.35
C ASN A 367 0.91 -47.18 -6.62
N GLU A 368 1.34 -47.19 -7.88
CA GLU A 368 2.59 -47.84 -8.28
C GLU A 368 3.82 -46.91 -8.30
N PHE A 369 3.65 -45.64 -7.93
CA PHE A 369 4.76 -44.69 -7.87
C PHE A 369 5.79 -45.14 -6.82
N PRO A 370 7.08 -44.97 -7.13
CA PRO A 370 8.16 -45.35 -6.20
C PRO A 370 8.15 -44.48 -4.95
N ASP A 371 8.68 -45.00 -3.85
CA ASP A 371 8.77 -44.24 -2.61
C ASP A 371 9.60 -42.96 -2.68
N ASP A 372 10.66 -42.96 -3.50
CA ASP A 372 11.45 -41.73 -3.60
C ASP A 372 10.61 -40.60 -4.20
N THR A 373 9.94 -40.85 -5.31
CA THR A 373 9.00 -39.89 -5.90
C THR A 373 7.95 -39.39 -4.88
N LEU A 374 7.35 -40.32 -4.14
CA LEU A 374 6.29 -39.95 -3.20
C LEU A 374 6.77 -39.16 -1.94
N ASN A 375 7.81 -39.64 -1.28
CA ASN A 375 8.42 -38.89 -0.17
C ASN A 375 8.84 -37.49 -0.61
N PHE A 376 9.32 -37.37 -1.84
CA PHE A 376 9.72 -36.06 -2.34
C PHE A 376 8.54 -35.09 -2.44
N ILE A 377 7.43 -35.53 -3.05
CA ILE A 377 6.34 -34.59 -3.28
C ILE A 377 5.65 -34.32 -1.95
N LYS A 378 5.72 -35.27 -1.02
CA LYS A 378 5.18 -35.07 0.32
C LYS A 378 5.91 -33.95 1.07
N THR A 379 7.21 -33.79 0.79
CA THR A 379 8.02 -32.81 1.52
C THR A 379 8.32 -31.57 0.68
N HIS A 380 7.88 -31.56 -0.58
CA HIS A 380 8.12 -30.41 -1.45
C HIS A 380 6.89 -30.01 -2.27
N PRO A 381 5.80 -29.62 -1.60
CA PRO A 381 4.61 -29.30 -2.40
C PRO A 381 4.72 -27.91 -3.07
N LEU A 382 5.60 -27.06 -2.55
CA LEU A 382 5.71 -25.67 -3.03
C LEU A 382 6.73 -25.50 -4.17
N MET A 383 6.32 -24.88 -5.28
CA MET A 383 7.27 -24.61 -6.36
C MET A 383 8.11 -23.37 -6.07
N ASP A 384 9.31 -23.33 -6.63
CA ASP A 384 10.16 -22.15 -6.48
C ASP A 384 9.52 -20.91 -7.11
N GLU A 385 9.08 -21.04 -8.37
CA GLU A 385 8.62 -19.88 -9.13
C GLU A 385 7.23 -19.39 -8.77
N ALA A 386 6.98 -18.12 -9.09
CA ALA A 386 5.64 -17.55 -9.02
C ALA A 386 5.06 -17.45 -10.44
N VAL A 387 3.75 -17.57 -10.55
CA VAL A 387 3.13 -17.50 -11.86
C VAL A 387 3.06 -16.05 -12.32
N PRO A 388 3.58 -15.75 -13.52
CA PRO A 388 3.51 -14.37 -14.01
C PRO A 388 2.12 -14.06 -14.58
N SER A 389 1.67 -12.82 -14.38
CA SER A 389 0.40 -12.42 -15.00
C SER A 389 0.67 -12.06 -16.45
N ILE A 390 -0.37 -12.08 -17.26
CA ILE A 390 -0.27 -11.61 -18.62
C ILE A 390 -0.01 -10.11 -18.59
N ILE A 391 1.11 -9.69 -19.17
CA ILE A 391 1.46 -8.27 -19.24
C ILE A 391 2.32 -7.83 -18.05
N ASN A 392 2.39 -8.64 -17.01
CA ASN A 392 3.35 -8.38 -15.93
C ASN A 392 3.01 -7.13 -15.13
N ARG A 393 1.76 -6.70 -15.27
CA ARG A 393 1.18 -5.65 -14.44
C ARG A 393 -0.33 -5.86 -14.38
N PRO A 394 -1.01 -5.27 -13.39
CA PRO A 394 -2.45 -5.50 -13.29
C PRO A 394 -3.18 -4.93 -14.50
N TRP A 395 -4.26 -5.57 -14.91
CA TRP A 395 -5.08 -5.03 -16.01
C TRP A 395 -5.88 -3.84 -15.52
N PHE A 396 -6.14 -3.80 -14.22
CA PHE A 396 -6.90 -2.71 -13.60
C PHE A 396 -6.45 -2.46 -12.16
N LEU A 397 -6.52 -1.20 -11.73
CA LEU A 397 -6.07 -0.78 -10.41
C LEU A 397 -7.03 0.21 -9.75
N ARG A 398 -7.28 0.04 -8.45
CA ARG A 398 -8.01 1.03 -7.65
C ARG A 398 -7.27 1.27 -6.34
N THR A 399 -6.91 2.52 -6.06
CA THR A 399 -6.07 2.84 -4.91
C THR A 399 -6.56 3.99 -4.03
N MET A 400 -7.63 4.66 -4.45
CA MET A 400 -8.03 5.89 -3.76
C MET A 400 -9.45 5.82 -3.24
N VAL A 401 -9.90 4.60 -2.98
CA VAL A 401 -11.25 4.35 -2.50
C VAL A 401 -11.19 3.46 -1.26
N ARG A 402 -12.29 3.41 -0.50
CA ARG A 402 -12.31 2.68 0.75
C ARG A 402 -12.75 1.23 0.59
N TYR A 403 -13.36 0.91 -0.54
CA TYR A 403 -13.83 -0.45 -0.81
C TYR A 403 -12.78 -1.30 -1.53
N ARG A 404 -12.91 -2.62 -1.42
CA ARG A 404 -12.11 -3.58 -2.18
C ARG A 404 -12.91 -4.13 -3.36
N LEU A 405 -12.21 -4.42 -4.46
CA LEU A 405 -12.79 -5.13 -5.58
C LEU A 405 -12.89 -6.63 -5.28
N THR A 406 -14.04 -7.23 -5.60
CA THR A 406 -14.28 -8.63 -5.24
C THR A 406 -14.72 -9.46 -6.45
N LYS A 407 -16.02 -9.69 -6.58
CA LYS A 407 -16.52 -10.59 -7.64
C LYS A 407 -16.22 -10.13 -9.05
N ILE A 408 -16.25 -11.09 -9.98
CA ILE A 408 -15.94 -10.81 -11.36
C ILE A 408 -16.92 -11.53 -12.27
N ALA A 409 -17.45 -10.82 -13.28
CA ALA A 409 -18.18 -11.44 -14.37
C ALA A 409 -17.56 -10.94 -15.65
N VAL A 410 -17.46 -11.81 -16.65
CA VAL A 410 -16.84 -11.48 -17.92
C VAL A 410 -17.71 -11.81 -19.15
N ASP A 411 -17.82 -10.86 -20.08
CA ASP A 411 -18.50 -11.12 -21.36
C ASP A 411 -17.47 -11.01 -22.47
N ASN A 412 -17.04 -12.17 -23.00
CA ASN A 412 -16.03 -12.20 -24.06
C ASN A 412 -16.61 -12.14 -25.46
N ALA A 413 -17.92 -11.89 -25.56
CA ALA A 413 -18.56 -11.80 -26.88
C ALA A 413 -19.49 -10.58 -26.98
N ALA A 414 -19.06 -9.45 -26.44
CA ALA A 414 -19.88 -8.25 -26.44
C ALA A 414 -19.81 -7.53 -27.80
N GLY A 415 -20.94 -6.96 -28.22
CA GLY A 415 -20.96 -6.10 -29.39
C GLY A 415 -21.54 -6.74 -30.64
N PRO A 416 -21.84 -5.91 -31.66
CA PRO A 416 -22.38 -6.32 -32.97
C PRO A 416 -21.64 -7.52 -33.57
N TYR A 417 -20.32 -7.53 -33.45
CA TYR A 417 -19.54 -8.59 -34.05
C TYR A 417 -18.99 -9.55 -33.00
N GLN A 418 -19.53 -9.45 -31.79
CA GLN A 418 -19.21 -10.37 -30.71
C GLN A 418 -17.71 -10.54 -30.54
N ASN A 419 -16.99 -9.43 -30.53
CA ASN A 419 -15.53 -9.50 -30.49
C ASN A 419 -14.91 -8.45 -29.58
N HIS A 420 -15.66 -8.05 -28.57
CA HIS A 420 -15.13 -7.21 -27.50
C HIS A 420 -15.30 -7.99 -26.22
N THR A 421 -14.43 -7.70 -25.26
CA THR A 421 -14.47 -8.37 -23.98
C THR A 421 -14.76 -7.34 -22.88
N VAL A 422 -15.90 -7.50 -22.24
CA VAL A 422 -16.31 -6.58 -21.18
C VAL A 422 -16.19 -7.25 -19.82
N VAL A 423 -15.51 -6.59 -18.89
CA VAL A 423 -15.34 -7.14 -17.55
C VAL A 423 -16.09 -6.35 -16.49
N PHE A 424 -16.83 -7.04 -15.64
CA PHE A 424 -17.57 -6.38 -14.56
C PHE A 424 -16.96 -6.74 -13.20
N LEU A 425 -16.73 -5.73 -12.37
CA LEU A 425 -16.17 -5.97 -11.04
C LEU A 425 -17.15 -5.55 -9.96
N GLY A 426 -17.34 -6.43 -8.97
CA GLY A 426 -18.18 -6.10 -7.83
C GLY A 426 -17.30 -5.67 -6.68
N SER A 427 -17.92 -5.16 -5.63
CA SER A 427 -17.15 -4.72 -4.48
C SER A 427 -17.92 -4.97 -3.21
N GLU A 428 -17.26 -4.79 -2.08
CA GLU A 428 -17.87 -5.02 -0.78
C GLU A 428 -18.81 -3.87 -0.42
N LYS A 429 -18.88 -2.85 -1.26
CA LYS A 429 -19.78 -1.73 -0.98
C LYS A 429 -20.90 -1.58 -2.00
N GLY A 430 -21.07 -2.56 -2.88
CA GLY A 430 -22.23 -2.53 -3.75
C GLY A 430 -22.02 -1.74 -5.03
N ILE A 431 -20.78 -1.34 -5.26
CA ILE A 431 -20.46 -0.64 -6.48
C ILE A 431 -19.94 -1.64 -7.52
N ILE A 432 -20.40 -1.49 -8.77
CA ILE A 432 -19.92 -2.34 -9.85
C ILE A 432 -19.02 -1.49 -10.75
N LEU A 433 -17.91 -2.06 -11.19
CA LEU A 433 -17.04 -1.35 -12.11
C LEU A 433 -17.08 -2.08 -13.44
N LYS A 434 -17.20 -1.34 -14.52
CA LYS A 434 -17.28 -1.94 -15.86
C LYS A 434 -16.11 -1.47 -16.71
N PHE A 435 -15.39 -2.40 -17.31
CA PHE A 435 -14.24 -1.99 -18.11
C PHE A 435 -14.06 -2.84 -19.35
N LEU A 436 -13.38 -2.27 -20.35
CA LEU A 436 -13.16 -2.96 -21.61
C LEU A 436 -11.72 -3.47 -21.65
N ALA A 437 -11.57 -4.77 -21.87
CA ALA A 437 -10.26 -5.39 -22.03
C ALA A 437 -9.55 -4.95 -23.31
N ARG A 438 -8.45 -4.21 -23.18
CA ARG A 438 -7.62 -3.87 -24.33
C ARG A 438 -7.03 -5.16 -24.90
N ILE A 439 -6.98 -5.26 -26.22
CA ILE A 439 -6.54 -6.51 -26.82
C ILE A 439 -5.45 -6.34 -27.88
N GLY A 440 -4.60 -7.36 -27.99
CA GLY A 440 -3.75 -7.52 -29.15
C GLY A 440 -2.31 -7.06 -29.01
N SER A 441 -1.80 -6.51 -30.12
CA SER A 441 -0.41 -6.09 -30.25
C SER A 441 -0.27 -4.58 -30.02
N LEU A 445 -3.11 -8.99 -24.83
CA LEU A 445 -4.09 -8.18 -24.12
C LEU A 445 -3.44 -7.03 -23.36
N ASN A 446 -3.63 -5.81 -23.85
CA ASN A 446 -2.88 -4.65 -23.39
C ASN A 446 -3.58 -3.77 -22.32
N GLY A 447 -4.06 -4.37 -21.24
CA GLY A 447 -4.61 -3.59 -20.15
C GLY A 447 -6.12 -3.36 -20.21
N SER A 448 -6.56 -2.13 -19.90
CA SER A 448 -7.99 -1.86 -19.74
C SER A 448 -8.46 -0.41 -19.90
N LEU A 449 -9.74 -0.27 -20.22
CA LEU A 449 -10.42 1.03 -20.32
C LEU A 449 -11.63 1.05 -19.38
N PHE A 450 -11.65 2.03 -18.48
CA PHE A 450 -12.68 2.14 -17.44
C PHE A 450 -13.93 2.76 -18.05
N LEU A 451 -14.94 1.96 -18.33
CA LEU A 451 -16.13 2.46 -19.04
C LEU A 451 -17.14 3.11 -18.12
N GLU A 452 -17.32 2.55 -16.93
CA GLU A 452 -18.46 2.95 -16.11
C GLU A 452 -18.33 2.45 -14.68
N GLU A 453 -18.84 3.25 -13.76
CA GLU A 453 -18.92 2.89 -12.37
C GLU A 453 -20.37 3.08 -11.95
N MET A 454 -20.91 2.16 -11.17
CA MET A 454 -22.32 2.25 -10.85
C MET A 454 -22.71 1.68 -9.51
N ASN A 455 -23.43 2.48 -8.73
CA ASN A 455 -23.95 2.00 -7.47
C ASN A 455 -25.25 1.25 -7.71
N VAL A 456 -25.26 -0.06 -7.46
CA VAL A 456 -26.48 -0.81 -7.74
C VAL A 456 -27.27 -1.21 -6.49
N TYR A 457 -26.65 -1.14 -5.33
CA TYR A 457 -27.37 -1.45 -4.10
C TYR A 457 -28.62 -0.57 -3.98
N ASN A 458 -29.74 -1.17 -3.62
CA ASN A 458 -31.01 -0.46 -3.51
C ASN A 458 -31.55 -0.51 -2.07
N PRO A 459 -31.30 0.54 -1.28
CA PRO A 459 -31.65 0.53 0.16
C PRO A 459 -33.13 0.24 0.40
N GLU A 460 -33.99 0.73 -0.47
CA GLU A 460 -35.43 0.63 -0.24
C GLU A 460 -35.91 -0.82 -0.35
N LYS A 461 -35.27 -1.60 -1.22
CA LYS A 461 -35.68 -2.99 -1.43
C LYS A 461 -34.77 -3.98 -0.70
N CYS A 462 -33.58 -3.53 -0.32
CA CYS A 462 -32.56 -4.44 0.18
C CYS A 462 -32.21 -4.22 1.67
N SER A 463 -32.56 -3.05 2.22
CA SER A 463 -32.28 -2.76 3.62
C SER A 463 -33.51 -2.97 4.49
N TYR A 464 -33.62 -4.16 5.07
CA TYR A 464 -34.77 -4.49 5.91
C TYR A 464 -34.35 -5.56 6.93
N ASP A 465 -35.22 -5.79 7.92
CA ASP A 465 -34.97 -6.80 8.94
C ASP A 465 -33.61 -6.57 9.62
N GLY A 466 -33.27 -5.29 9.81
CA GLY A 466 -32.05 -4.89 10.49
C GLY A 466 -30.76 -5.14 9.72
N VAL A 467 -30.86 -5.36 8.40
CA VAL A 467 -29.65 -5.62 7.62
C VAL A 467 -29.40 -4.54 6.56
N GLU A 468 -28.23 -3.90 6.61
CA GLU A 468 -27.75 -3.11 5.48
C GLU A 468 -26.35 -3.58 5.06
N ASP A 469 -26.31 -4.67 4.31
CA ASP A 469 -25.03 -5.30 3.98
C ASP A 469 -24.80 -5.21 2.47
N LYS A 470 -23.88 -4.36 2.07
CA LYS A 470 -23.74 -3.99 0.68
C LYS A 470 -22.68 -4.83 0.00
N ARG A 471 -22.26 -5.89 0.69
CA ARG A 471 -21.34 -6.86 0.09
C ARG A 471 -21.96 -7.69 -1.04
N ILE A 472 -21.44 -7.54 -2.24
CA ILE A 472 -21.87 -8.38 -3.35
C ILE A 472 -21.42 -9.84 -3.13
N MET A 473 -22.38 -10.77 -3.13
CA MET A 473 -22.12 -12.19 -2.86
C MET A 473 -21.87 -12.99 -4.13
N GLY A 474 -22.36 -12.49 -5.27
CA GLY A 474 -22.15 -13.13 -6.54
C GLY A 474 -22.66 -12.26 -7.68
N MET A 475 -22.15 -12.51 -8.88
CA MET A 475 -22.66 -11.86 -10.08
C MET A 475 -22.76 -12.89 -11.18
N GLN A 476 -23.87 -12.90 -11.89
CA GLN A 476 -24.05 -13.83 -12.99
C GLN A 476 -24.43 -13.04 -14.22
N LEU A 477 -23.58 -13.09 -15.24
CA LEU A 477 -23.89 -12.42 -16.50
C LEU A 477 -24.74 -13.32 -17.38
N ASP A 478 -25.82 -12.76 -17.92
CA ASP A 478 -26.70 -13.53 -18.81
C ASP A 478 -27.01 -12.81 -20.13
N ARG A 479 -26.35 -13.23 -21.20
CA ARG A 479 -26.51 -12.58 -22.51
C ARG A 479 -27.95 -12.55 -23.01
N ALA A 480 -28.64 -13.68 -22.94
CA ALA A 480 -29.95 -13.76 -23.56
C ALA A 480 -30.95 -12.78 -22.92
N SER A 481 -30.77 -12.49 -21.63
CA SER A 481 -31.66 -11.54 -21.01
C SER A 481 -31.02 -10.15 -20.89
N GLY A 482 -29.89 -9.95 -21.59
CA GLY A 482 -29.21 -8.66 -21.58
C GLY A 482 -28.94 -8.14 -20.17
N SER A 483 -28.71 -9.05 -19.23
CA SER A 483 -28.62 -8.66 -17.82
C SER A 483 -27.40 -9.20 -17.10
N LEU A 484 -27.03 -8.50 -16.03
CA LEU A 484 -26.08 -9.00 -15.05
C LEU A 484 -26.84 -9.13 -13.71
N TYR A 485 -26.99 -10.35 -13.20
CA TYR A 485 -27.62 -10.56 -11.89
C TYR A 485 -26.62 -10.37 -10.78
N VAL A 486 -26.93 -9.46 -9.85
CA VAL A 486 -26.01 -9.09 -8.77
C VAL A 486 -26.64 -9.45 -7.42
N ALA A 487 -26.06 -10.44 -6.73
CA ALA A 487 -26.58 -10.90 -5.45
C ALA A 487 -26.03 -10.13 -4.28
N PHE A 488 -26.92 -9.73 -3.38
CA PHE A 488 -26.54 -9.29 -2.04
C PHE A 488 -27.12 -10.31 -1.04
N SER A 489 -26.85 -10.11 0.24
CA SER A 489 -27.36 -11.00 1.29
C SER A 489 -28.90 -11.12 1.29
N THR A 490 -29.57 -10.00 1.06
CA THR A 490 -31.02 -9.85 1.23
C THR A 490 -31.80 -9.70 -0.09
N CYS A 491 -31.11 -9.66 -1.22
CA CYS A 491 -31.76 -9.41 -2.51
C CYS A 491 -30.87 -9.76 -3.70
N VAL A 492 -31.49 -9.92 -4.86
CA VAL A 492 -30.77 -10.04 -6.12
C VAL A 492 -31.30 -9.00 -7.10
N ILE A 493 -30.38 -8.28 -7.72
CA ILE A 493 -30.74 -7.16 -8.57
C ILE A 493 -30.51 -7.52 -10.02
N LYS A 494 -31.49 -7.20 -10.85
CA LYS A 494 -31.32 -7.43 -12.27
C LYS A 494 -30.76 -6.16 -12.92
N VAL A 495 -29.47 -6.16 -13.21
CA VAL A 495 -28.82 -5.02 -13.81
C VAL A 495 -28.65 -5.10 -15.34
N PRO A 496 -29.19 -4.11 -16.07
CA PRO A 496 -29.06 -4.06 -17.53
C PRO A 496 -27.60 -3.97 -17.93
N LEU A 497 -27.19 -4.72 -18.95
CA LEU A 497 -25.78 -4.73 -19.37
C LEU A 497 -25.27 -3.36 -19.90
N GLY A 498 -26.14 -2.64 -20.60
CA GLY A 498 -25.78 -1.32 -21.12
C GLY A 498 -26.83 -0.24 -20.81
N ARG A 499 -26.35 0.89 -20.29
CA ARG A 499 -27.22 2.02 -19.95
C ARG A 499 -27.39 2.97 -21.14
N CYS A 500 -27.96 2.47 -22.24
CA CYS A 500 -27.89 3.15 -23.53
C CYS A 500 -28.75 4.40 -23.62
N GLU A 501 -30.05 4.22 -23.42
CA GLU A 501 -31.02 5.30 -23.58
C GLU A 501 -30.77 6.43 -22.59
N ARG A 502 -29.97 6.15 -21.58
CA ARG A 502 -29.43 7.17 -20.69
C ARG A 502 -29.04 8.42 -21.48
N HIS A 503 -28.21 8.23 -22.50
CA HIS A 503 -27.68 9.32 -23.32
C HIS A 503 -28.76 9.97 -24.19
N GLY A 504 -29.93 9.34 -24.22
CA GLY A 504 -31.07 9.88 -24.90
C GLY A 504 -30.79 10.17 -26.36
N LYS A 505 -30.92 11.44 -26.73
CA LYS A 505 -30.80 11.85 -28.11
C LYS A 505 -29.50 12.62 -28.33
N CYS A 506 -28.56 12.50 -27.39
CA CYS A 506 -27.25 13.12 -27.59
C CYS A 506 -26.31 12.14 -28.27
N LYS A 507 -26.00 12.37 -29.54
CA LYS A 507 -25.09 11.48 -30.26
C LYS A 507 -23.67 11.46 -29.66
N LYS A 508 -23.17 12.63 -29.28
CA LYS A 508 -21.82 12.71 -28.73
C LYS A 508 -21.57 11.81 -27.51
N THR A 509 -22.47 11.85 -26.52
CA THR A 509 -22.25 11.03 -25.34
C THR A 509 -22.48 9.55 -25.65
N CYS A 510 -23.28 9.29 -26.69
CA CYS A 510 -23.50 7.91 -27.10
C CYS A 510 -22.20 7.34 -27.65
N ILE A 511 -21.56 8.08 -28.55
CA ILE A 511 -20.37 7.61 -29.23
C ILE A 511 -19.17 7.60 -28.29
N ALA A 512 -19.09 8.63 -27.44
CA ALA A 512 -17.99 8.73 -26.47
C ALA A 512 -17.98 7.58 -25.44
N SER A 513 -19.14 6.97 -25.18
CA SER A 513 -19.23 5.95 -24.12
C SER A 513 -18.32 4.78 -24.42
N ARG A 514 -18.09 4.50 -25.70
CA ARG A 514 -17.18 3.44 -26.11
C ARG A 514 -17.64 2.09 -25.55
N ASP A 515 -18.95 1.96 -25.43
CA ASP A 515 -19.63 0.84 -24.84
C ASP A 515 -20.12 -0.11 -25.91
N PRO A 516 -19.52 -1.31 -26.01
CA PRO A 516 -19.92 -2.30 -27.03
C PRO A 516 -21.42 -2.62 -27.03
N TYR A 517 -22.11 -2.38 -25.90
CA TYR A 517 -23.55 -2.64 -25.82
C TYR A 517 -24.41 -1.51 -26.40
N CYS A 518 -23.80 -0.38 -26.72
CA CYS A 518 -24.57 0.77 -27.13
C CYS A 518 -24.11 1.32 -28.47
N GLY A 519 -25.06 1.85 -29.22
CA GLY A 519 -24.80 2.45 -30.53
C GLY A 519 -25.79 3.54 -30.86
N TRP A 520 -25.42 4.40 -31.79
CA TRP A 520 -26.30 5.49 -32.23
C TRP A 520 -27.12 5.03 -33.42
N VAL A 521 -28.43 5.19 -33.31
CA VAL A 521 -29.37 4.75 -34.32
C VAL A 521 -30.08 5.97 -34.91
N ARG A 522 -29.57 6.47 -36.03
CA ARG A 522 -30.12 7.66 -36.64
C ARG A 522 -31.58 7.53 -37.14
N GLU A 523 -32.04 6.31 -37.38
CA GLU A 523 -33.43 6.11 -37.82
C GLU A 523 -34.41 6.52 -36.73
N SER A 524 -33.97 6.41 -35.48
CA SER A 524 -34.79 6.82 -34.35
C SER A 524 -34.20 8.06 -33.69
N GLY A 525 -33.03 8.47 -34.13
CA GLY A 525 -32.37 9.62 -33.53
C GLY A 525 -32.01 9.41 -32.06
N SER A 526 -31.51 8.22 -31.72
CA SER A 526 -31.25 7.94 -30.31
C SER A 526 -30.19 6.87 -30.08
N CYS A 527 -29.66 6.85 -28.86
CA CYS A 527 -28.73 5.82 -28.43
C CYS A 527 -29.51 4.56 -28.05
N ALA A 528 -29.14 3.42 -28.63
CA ALA A 528 -29.92 2.21 -28.39
C ALA A 528 -29.03 1.00 -28.12
N HIS A 529 -29.61 -0.06 -27.55
CA HIS A 529 -28.86 -1.30 -27.36
C HIS A 529 -28.96 -2.14 -28.62
N LEU A 530 -27.96 -3.01 -28.80
CA LEU A 530 -27.89 -3.90 -29.95
C LEU A 530 -29.19 -4.67 -30.19
N SER A 531 -29.72 -4.59 -31.41
CA SER A 531 -31.01 -5.18 -31.74
C SER A 531 -30.93 -6.02 -33.02
N PRO A 532 -30.49 -7.28 -32.89
CA PRO A 532 -30.14 -8.14 -34.04
C PRO A 532 -31.35 -8.50 -34.89
N ARG A 535 -33.53 -4.86 -39.14
CA ARG A 535 -32.65 -4.08 -38.27
C ARG A 535 -32.09 -2.85 -38.99
N LEU A 536 -31.70 -1.85 -38.20
CA LEU A 536 -31.30 -0.55 -38.71
C LEU A 536 -29.79 -0.32 -38.61
N THR A 537 -29.35 0.92 -38.84
CA THR A 537 -27.93 1.24 -38.67
C THR A 537 -27.61 1.35 -37.18
N PHE A 538 -26.34 1.11 -36.85
CA PHE A 538 -25.92 1.00 -35.47
C PHE A 538 -24.49 1.49 -35.42
N GLU A 539 -24.33 2.77 -35.10
CA GLU A 539 -23.03 3.40 -35.11
C GLU A 539 -22.35 3.41 -33.74
N GLN A 540 -21.11 2.96 -33.72
CA GLN A 540 -20.26 3.06 -32.52
C GLN A 540 -18.80 3.20 -32.90
N ASP A 541 -18.00 3.67 -31.96
CA ASP A 541 -16.57 3.82 -32.17
C ASP A 541 -15.87 3.36 -30.91
N ILE A 542 -15.80 2.04 -30.73
CA ILE A 542 -15.25 1.51 -29.50
C ILE A 542 -13.72 1.70 -29.39
N GLU A 543 -13.04 1.55 -30.53
CA GLU A 543 -11.58 1.65 -30.63
C GLU A 543 -11.05 3.05 -30.30
N ARG A 544 -11.68 4.08 -30.86
CA ARG A 544 -11.34 5.45 -30.55
C ARG A 544 -12.62 6.10 -30.07
N GLY A 545 -12.54 7.21 -29.35
CA GLY A 545 -13.77 7.77 -28.81
C GLY A 545 -14.31 8.95 -29.61
N ASN A 546 -14.04 8.94 -30.90
CA ASN A 546 -14.03 10.18 -31.69
C ASN A 546 -15.35 10.92 -31.84
N THR A 547 -15.45 12.08 -31.21
CA THR A 547 -16.66 12.90 -31.29
C THR A 547 -16.45 14.24 -32.00
N ASP A 548 -15.40 14.34 -32.81
CA ASP A 548 -15.16 15.58 -33.55
C ASP A 548 -16.34 15.90 -34.46
N GLY A 549 -16.78 17.15 -34.43
CA GLY A 549 -17.88 17.58 -35.27
C GLY A 549 -19.26 17.22 -34.73
N LEU A 550 -19.33 16.89 -33.44
CA LEU A 550 -20.61 16.63 -32.79
C LEU A 550 -20.83 17.60 -31.62
N GLY A 551 -21.83 17.31 -30.81
CA GLY A 551 -22.04 18.03 -29.57
C GLY A 551 -23.18 19.03 -29.63
N ASP A 552 -23.64 19.47 -28.46
CA ASP A 552 -23.11 19.02 -27.19
C ASP A 552 -24.23 18.75 -26.19
N CYS A 553 -23.85 18.46 -24.95
CA CYS A 553 -24.79 18.25 -23.86
C CYS A 553 -24.17 18.69 -22.53
N PHE B 5 -8.01 -0.25 8.68
CA PHE B 5 -7.08 0.87 8.54
C PHE B 5 -7.78 2.22 8.59
N PRO B 6 -7.31 3.11 9.49
CA PRO B 6 -7.89 4.42 9.81
C PRO B 6 -8.26 5.27 8.58
N GLU B 7 -9.41 5.92 8.66
CA GLU B 7 -9.82 6.88 7.63
C GLU B 7 -9.20 8.27 7.92
N ASP B 8 -9.01 9.06 6.85
CA ASP B 8 -8.38 10.38 6.98
C ASP B 8 -9.24 11.40 7.73
N SER B 9 -8.60 12.44 8.23
CA SER B 9 -9.31 13.55 8.85
C SER B 9 -9.57 14.65 7.84
N GLU B 10 -10.68 15.35 8.04
CA GLU B 10 -10.97 16.55 7.26
C GLU B 10 -10.52 17.74 8.09
N PRO B 11 -9.91 18.73 7.44
CA PRO B 11 -9.53 19.92 8.23
C PRO B 11 -10.78 20.62 8.74
N ILE B 12 -10.64 21.32 9.86
CA ILE B 12 -11.68 22.23 10.31
C ILE B 12 -11.86 23.38 9.31
N SER B 13 -10.87 23.58 8.43
CA SER B 13 -10.90 24.63 7.42
C SER B 13 -9.98 24.36 6.22
N ILE B 14 -10.52 24.51 5.01
CA ILE B 14 -9.69 24.43 3.80
C ILE B 14 -9.52 25.80 3.14
N TYR B 19 -7.37 32.96 -3.27
CA TYR B 19 -7.09 33.77 -2.09
C TYR B 19 -5.60 33.78 -1.78
N THR B 20 -4.92 32.67 -2.07
CA THR B 20 -3.49 32.56 -1.82
C THR B 20 -2.68 33.00 -3.04
N LYS B 21 -3.04 34.15 -3.60
CA LYS B 21 -2.27 34.76 -4.67
C LYS B 21 -1.84 36.15 -4.23
N GLN B 22 -2.31 36.56 -3.06
CA GLN B 22 -2.04 37.88 -2.51
C GLN B 22 -0.89 37.85 -1.50
N TYR B 23 -0.27 36.68 -1.34
CA TYR B 23 0.88 36.52 -0.46
C TYR B 23 2.16 37.06 -1.08
N PRO B 24 2.95 37.80 -0.28
CA PRO B 24 4.25 38.34 -0.70
C PRO B 24 5.21 37.25 -1.18
N VAL B 25 5.78 37.44 -2.36
CA VAL B 25 6.73 36.49 -2.93
C VAL B 25 8.08 37.13 -3.20
N PHE B 26 9.13 36.36 -2.96
CA PHE B 26 10.50 36.76 -3.27
C PHE B 26 10.98 35.99 -4.49
N VAL B 27 11.46 36.71 -5.50
CA VAL B 27 11.98 36.08 -6.71
C VAL B 27 13.40 36.55 -7.02
N GLY B 28 14.08 37.11 -6.02
CA GLY B 28 15.47 37.49 -6.16
C GLY B 28 15.72 38.84 -6.81
N HIS B 29 14.82 39.78 -6.58
CA HIS B 29 15.01 41.14 -7.07
C HIS B 29 15.46 42.05 -5.95
N LYS B 30 16.27 43.05 -6.30
CA LYS B 30 16.52 44.17 -5.41
C LYS B 30 15.50 45.24 -5.76
N PRO B 31 15.32 46.24 -4.88
CA PRO B 31 14.31 47.27 -5.15
C PRO B 31 14.54 47.97 -6.50
N GLY B 32 13.45 48.36 -7.16
CA GLY B 32 13.53 49.01 -8.46
C GLY B 32 13.59 48.02 -9.62
N ARG B 40 16.17 31.42 -13.56
CA ARG B 40 15.60 30.77 -12.37
C ARG B 40 16.65 30.63 -11.26
N LEU B 41 16.19 30.69 -10.01
CA LEU B 41 17.09 30.77 -8.88
C LEU B 41 17.62 29.42 -8.43
N ASP B 42 16.93 28.34 -8.77
CA ASP B 42 17.28 27.01 -8.25
C ASP B 42 17.56 27.04 -6.76
N ILE B 43 16.62 27.57 -5.99
CA ILE B 43 16.75 27.60 -4.55
C ILE B 43 16.95 26.20 -4.02
N GLN B 44 17.94 26.04 -3.15
CA GLN B 44 18.26 24.76 -2.51
C GLN B 44 17.79 24.68 -1.07
N MET B 45 17.80 25.80 -0.35
CA MET B 45 17.39 25.81 1.05
C MET B 45 17.21 27.22 1.58
N ILE B 46 16.40 27.33 2.62
CA ILE B 46 16.27 28.57 3.35
C ILE B 46 16.54 28.31 4.82
N MET B 47 17.07 29.33 5.49
CA MET B 47 17.21 29.32 6.95
C MET B 47 17.28 30.73 7.52
N ILE B 48 16.58 30.92 8.63
CA ILE B 48 16.62 32.21 9.31
C ILE B 48 17.72 32.21 10.35
N MET B 49 18.60 33.19 10.27
CA MET B 49 19.60 33.36 11.30
C MET B 49 19.45 34.74 11.94
N ASN B 50 19.27 34.75 13.25
CA ASN B 50 18.96 35.98 13.98
C ASN B 50 17.71 36.64 13.36
N ARG B 51 17.87 37.75 12.65
CA ARG B 51 16.72 38.38 11.97
C ARG B 51 16.82 38.35 10.44
N THR B 52 17.66 37.48 9.92
CA THR B 52 17.91 37.43 8.47
C THR B 52 17.45 36.11 7.86
N LEU B 53 16.74 36.20 6.75
CA LEU B 53 16.42 35.00 5.98
C LEU B 53 17.46 34.83 4.89
N TYR B 54 18.16 33.71 4.93
CA TYR B 54 19.13 33.34 3.92
C TYR B 54 18.50 32.42 2.89
N VAL B 55 18.68 32.76 1.61
CA VAL B 55 18.17 31.96 0.52
C VAL B 55 19.35 31.39 -0.28
N ALA B 56 19.64 30.10 -0.10
CA ALA B 56 20.74 29.45 -0.81
C ALA B 56 20.29 28.86 -2.14
N ALA B 57 21.05 29.16 -3.19
CA ALA B 57 20.60 28.85 -4.53
C ALA B 57 21.78 28.58 -5.44
N ARG B 58 21.54 28.62 -6.74
CA ARG B 58 22.58 28.46 -7.74
C ARG B 58 23.47 29.71 -7.83
N ASP B 59 24.78 29.54 -7.64
CA ASP B 59 25.76 30.63 -7.81
C ASP B 59 25.57 31.77 -6.79
N HIS B 60 24.56 31.66 -5.93
CA HIS B 60 24.27 32.78 -5.04
C HIS B 60 23.73 32.41 -3.69
N ILE B 61 23.89 33.33 -2.75
CA ILE B 61 23.13 33.33 -1.52
C ILE B 61 22.45 34.70 -1.43
N TYR B 62 21.14 34.72 -1.20
CA TYR B 62 20.41 35.99 -1.04
C TYR B 62 19.98 36.17 0.41
N THR B 63 20.05 37.40 0.92
CA THR B 63 19.49 37.70 2.24
C THR B 63 18.27 38.60 2.14
N VAL B 64 17.30 38.38 3.01
CA VAL B 64 16.13 39.23 3.09
C VAL B 64 16.01 39.80 4.49
N ASP B 65 15.89 41.12 4.58
CA ASP B 65 15.58 41.75 5.86
C ASP B 65 14.14 41.44 6.26
N ILE B 66 13.99 40.46 7.14
CA ILE B 66 12.66 40.03 7.58
C ILE B 66 11.80 41.19 8.11
N ASP B 67 12.39 42.03 8.96
CA ASP B 67 11.61 43.06 9.66
C ASP B 67 11.53 44.42 8.96
N THR B 68 11.61 44.42 7.64
CA THR B 68 11.47 45.66 6.86
C THR B 68 10.62 45.43 5.61
N SER B 69 10.41 44.17 5.28
CA SER B 69 9.69 43.81 4.06
C SER B 69 8.20 43.75 4.32
N HIS B 70 7.44 44.61 3.63
CA HIS B 70 6.00 44.66 3.79
C HIS B 70 5.28 44.82 2.46
N THR B 71 6.05 44.98 1.39
CA THR B 71 5.49 45.11 0.05
C THR B 71 5.02 43.74 -0.46
N GLU B 72 4.23 43.76 -1.53
CA GLU B 72 3.74 42.52 -2.12
C GLU B 72 4.87 41.74 -2.79
N GLU B 73 6.00 42.41 -2.98
CA GLU B 73 7.20 41.74 -3.43
C GLU B 73 8.30 41.86 -2.39
N ILE B 74 8.81 40.72 -1.93
CA ILE B 74 9.95 40.72 -1.02
C ILE B 74 11.22 40.98 -1.82
N TYR B 75 12.01 41.93 -1.36
CA TYR B 75 13.26 42.27 -2.01
C TYR B 75 14.44 41.75 -1.21
N CYS B 76 15.52 41.48 -1.92
CA CYS B 76 16.74 41.02 -1.31
C CYS B 76 17.58 42.21 -0.79
N SER B 77 18.20 42.05 0.37
CA SER B 77 19.04 43.10 0.97
C SER B 77 20.48 43.08 0.47
N LYS B 78 21.14 41.93 0.62
CA LYS B 78 22.47 41.69 0.08
C LYS B 78 22.47 40.38 -0.72
N LYS B 79 23.37 40.30 -1.69
CA LYS B 79 23.50 39.08 -2.48
C LYS B 79 24.96 38.68 -2.56
N LEU B 80 25.21 37.43 -2.21
CA LEU B 80 26.53 36.84 -2.31
C LEU B 80 26.61 36.13 -3.66
N THR B 81 27.69 36.34 -4.40
CA THR B 81 27.90 35.67 -5.68
C THR B 81 29.14 34.79 -5.67
N TRP B 82 28.96 33.54 -6.04
CA TRP B 82 30.05 32.58 -6.13
C TRP B 82 29.78 31.60 -7.29
N LYS B 83 30.20 32.01 -8.49
CA LYS B 83 30.11 31.17 -9.67
C LYS B 83 31.36 30.33 -9.76
N SER B 84 31.22 29.13 -10.34
CA SER B 84 32.37 28.29 -10.61
C SER B 84 33.32 28.96 -11.61
N ARG B 85 34.61 28.73 -11.42
CA ARG B 85 35.57 29.15 -12.42
C ARG B 85 35.23 28.46 -13.73
N GLN B 86 35.50 29.12 -14.85
CA GLN B 86 35.27 28.52 -16.16
C GLN B 86 35.97 27.15 -16.29
N ALA B 87 37.22 27.04 -15.83
CA ALA B 87 37.93 25.75 -15.89
C ALA B 87 37.15 24.58 -15.24
N ASP B 88 36.47 24.85 -14.13
CA ASP B 88 35.65 23.82 -13.45
C ASP B 88 34.39 23.49 -14.23
N VAL B 89 33.69 24.51 -14.74
CA VAL B 89 32.57 24.27 -15.62
C VAL B 89 32.99 23.37 -16.82
N ASP B 90 34.01 23.77 -17.58
CA ASP B 90 34.45 22.98 -18.72
C ASP B 90 34.86 21.53 -18.34
N THR B 91 35.46 21.33 -17.18
CA THR B 91 35.85 19.98 -16.76
C THR B 91 34.61 19.14 -16.47
N CYS B 92 33.67 19.73 -15.72
CA CYS B 92 32.33 19.17 -15.51
C CYS B 92 31.69 18.70 -16.83
N ARG B 93 31.66 19.55 -17.85
CA ARG B 93 31.06 19.14 -19.12
C ARG B 93 31.81 18.00 -19.78
N MET B 94 33.13 18.03 -19.69
CA MET B 94 33.96 17.03 -20.35
C MET B 94 33.72 15.64 -19.72
N LYS B 95 33.39 15.63 -18.43
CA LYS B 95 33.02 14.39 -17.74
C LYS B 95 31.60 13.90 -18.07
N GLY B 96 30.90 14.63 -18.92
CA GLY B 96 29.59 14.19 -19.39
C GLY B 96 28.37 14.74 -18.66
N LYS B 97 28.57 15.57 -17.65
CA LYS B 97 27.45 16.25 -17.02
C LYS B 97 26.88 17.36 -17.91
N HIS B 98 25.62 17.71 -17.67
CA HIS B 98 24.92 18.68 -18.53
C HIS B 98 25.17 20.13 -18.12
N LYS B 99 24.90 21.03 -19.05
CA LYS B 99 25.06 22.46 -18.83
C LYS B 99 24.35 22.97 -17.56
N ASP B 100 23.12 22.53 -17.34
CA ASP B 100 22.39 22.97 -16.14
C ASP B 100 22.98 22.52 -14.80
N GLU B 101 23.55 21.32 -14.73
CA GLU B 101 24.13 20.79 -13.46
C GLU B 101 25.52 21.31 -13.14
N CYS B 102 26.24 21.78 -14.16
CA CYS B 102 27.60 22.26 -13.99
C CYS B 102 27.64 23.74 -13.57
N HIS B 103 26.99 24.03 -12.44
CA HIS B 103 27.11 25.32 -11.78
C HIS B 103 27.43 25.06 -10.31
N ASN B 104 27.62 26.15 -9.57
CA ASN B 104 27.84 26.09 -8.13
C ASN B 104 26.53 26.21 -7.32
N PHE B 105 25.94 25.07 -6.97
CA PHE B 105 24.71 25.09 -6.19
C PHE B 105 25.08 25.06 -4.72
N ILE B 106 24.62 26.04 -3.95
CA ILE B 106 24.98 26.15 -2.54
C ILE B 106 24.20 25.13 -1.69
N LYS B 107 24.90 24.18 -1.07
CA LYS B 107 24.26 23.08 -0.32
C LYS B 107 24.57 23.03 1.17
N VAL B 108 25.52 23.86 1.60
CA VAL B 108 25.84 23.99 3.01
C VAL B 108 25.96 25.48 3.32
N LEU B 109 25.36 25.88 4.44
CA LEU B 109 25.37 27.27 4.89
C LEU B 109 25.21 27.30 6.42
N LEU B 110 26.33 27.45 7.12
CA LEU B 110 26.33 27.36 8.58
C LEU B 110 27.04 28.56 9.21
N LYS B 111 26.51 29.04 10.33
CA LYS B 111 27.14 30.10 11.08
C LYS B 111 28.14 29.50 12.07
N LYS B 112 29.41 29.91 11.99
CA LYS B 112 30.44 29.43 12.91
C LYS B 112 30.54 30.33 14.13
N ASN B 113 31.30 29.90 15.13
CA ASN B 113 31.46 30.66 16.37
C ASN B 113 32.33 31.91 16.25
N ASP B 114 33.24 31.92 15.29
CA ASP B 114 34.11 33.09 15.10
C ASP B 114 33.39 34.15 14.27
N ASP B 115 32.11 33.90 13.99
CA ASP B 115 31.23 34.84 13.32
C ASP B 115 31.45 34.95 11.80
N THR B 116 31.77 33.84 11.18
CA THR B 116 31.81 33.81 9.74
C THR B 116 30.67 32.88 9.27
N LEU B 117 30.29 32.97 8.00
CA LEU B 117 29.44 31.95 7.42
C LEU B 117 30.33 30.91 6.76
N PHE B 118 30.06 29.64 7.03
CA PHE B 118 30.73 28.54 6.35
C PHE B 118 29.80 28.08 5.24
N VAL B 119 30.28 28.18 4.00
CA VAL B 119 29.46 27.95 2.80
C VAL B 119 30.11 26.89 1.92
N CYS B 120 29.35 25.88 1.51
CA CYS B 120 29.84 24.86 0.59
C CYS B 120 28.95 24.81 -0.65
N GLY B 121 29.57 24.62 -1.81
CA GLY B 121 28.85 24.58 -3.08
C GLY B 121 29.29 23.38 -3.90
N THR B 122 28.39 22.88 -4.75
CA THR B 122 28.69 21.72 -5.57
C THR B 122 29.81 22.06 -6.53
N ASN B 123 29.92 23.35 -6.88
CA ASN B 123 31.01 23.84 -7.71
C ASN B 123 31.23 23.04 -9.01
N ALA B 124 30.17 22.85 -9.79
CA ALA B 124 30.30 22.10 -11.04
C ALA B 124 30.93 20.74 -10.75
N PHE B 125 30.34 19.97 -9.84
CA PHE B 125 30.86 18.62 -9.60
C PHE B 125 32.30 18.62 -9.12
N ASN B 126 32.60 19.54 -8.22
CA ASN B 126 33.91 19.60 -7.60
C ASN B 126 33.73 20.38 -6.32
N PRO B 127 33.07 19.74 -5.35
CA PRO B 127 32.54 20.41 -4.16
C PRO B 127 33.63 21.21 -3.49
N SER B 128 33.32 22.44 -3.05
CA SER B 128 34.29 23.30 -2.40
C SER B 128 33.62 24.09 -1.26
N CYS B 129 34.39 24.49 -0.26
CA CYS B 129 33.86 25.24 0.88
C CYS B 129 34.65 26.52 1.09
N ARG B 130 34.01 27.54 1.67
CA ARG B 130 34.65 28.82 1.98
C ARG B 130 34.05 29.47 3.22
N ASN B 131 34.87 30.22 3.94
CA ASN B 131 34.37 31.15 4.93
C ASN B 131 33.98 32.46 4.26
N TYR B 132 32.89 33.05 4.72
CA TYR B 132 32.46 34.39 4.30
C TYR B 132 32.19 35.28 5.53
N ARG B 133 32.45 36.57 5.40
CA ARG B 133 32.11 37.51 6.46
C ARG B 133 30.61 37.69 6.52
N VAL B 134 30.04 37.63 7.72
CA VAL B 134 28.60 37.83 7.88
C VAL B 134 28.16 39.25 7.47
N ASP B 135 28.95 40.24 7.85
CA ASP B 135 28.60 41.64 7.60
C ASP B 135 28.63 42.06 6.12
N THR B 136 29.65 41.65 5.36
CA THR B 136 29.79 42.11 3.98
C THR B 136 29.53 41.00 2.97
N LEU B 137 29.47 39.76 3.45
CA LEU B 137 29.33 38.60 2.55
C LEU B 137 30.49 38.50 1.53
N GLU B 138 31.70 38.82 1.99
CA GLU B 138 32.91 38.67 1.20
C GLU B 138 33.76 37.52 1.73
N THR B 139 34.50 36.86 0.83
CA THR B 139 35.29 35.67 1.16
C THR B 139 36.27 36.02 2.24
N PHE B 140 36.63 35.05 3.06
CA PHE B 140 37.57 35.31 4.14
C PHE B 140 38.58 34.15 4.19
N GLY B 141 39.80 34.41 3.70
CA GLY B 141 40.83 33.39 3.65
C GLY B 141 40.69 32.41 2.49
N ASP B 142 41.34 31.27 2.60
CA ASP B 142 41.46 30.32 1.48
C ASP B 142 40.28 29.39 1.38
N GLU B 143 40.02 28.93 0.15
CA GLU B 143 39.06 27.86 -0.08
C GLU B 143 39.45 26.64 0.74
N PHE B 144 38.46 25.83 1.08
CA PHE B 144 38.68 24.56 1.79
C PHE B 144 38.22 23.46 0.87
N SER B 145 38.79 22.26 1.01
CA SER B 145 38.28 21.11 0.27
C SER B 145 36.82 20.87 0.66
N GLY B 146 36.02 20.40 -0.29
CA GLY B 146 34.63 20.09 -0.07
C GLY B 146 34.34 18.59 -0.10
N MET B 147 35.33 17.79 -0.50
CA MET B 147 35.14 16.35 -0.56
C MET B 147 34.61 15.84 0.79
N ALA B 148 33.49 15.14 0.77
CA ALA B 148 32.91 14.55 1.98
C ALA B 148 32.19 15.55 2.88
N ARG B 149 32.16 16.83 2.47
CA ARG B 149 31.49 17.87 3.25
C ARG B 149 30.26 18.37 2.50
N CYS B 150 30.21 18.10 1.21
CA CYS B 150 29.19 18.69 0.33
C CYS B 150 29.06 17.85 -0.93
N PRO B 151 27.83 17.61 -1.38
CA PRO B 151 27.66 16.76 -2.56
C PRO B 151 28.24 17.37 -3.83
N TYR B 152 28.36 16.53 -4.87
CA TYR B 152 28.74 16.96 -6.21
C TYR B 152 27.51 17.40 -6.99
N ASP B 153 26.41 16.71 -6.73
CA ASP B 153 25.19 16.80 -7.50
C ASP B 153 24.14 17.53 -6.68
N ALA B 154 23.63 18.64 -7.20
CA ALA B 154 22.63 19.46 -6.49
C ALA B 154 21.33 18.69 -6.14
N LYS B 155 21.00 17.67 -6.91
CA LYS B 155 19.81 16.88 -6.63
C LYS B 155 19.92 16.00 -5.38
N HIS B 156 21.13 15.78 -4.89
CA HIS B 156 21.35 14.88 -3.76
C HIS B 156 21.06 15.56 -2.42
N ALA B 157 20.69 14.75 -1.44
CA ALA B 157 20.40 15.23 -0.09
C ALA B 157 21.63 15.07 0.75
N ASN B 158 21.92 16.06 1.57
CA ASN B 158 23.12 16.07 2.37
C ASN B 158 22.85 16.63 3.74
N ILE B 159 23.72 16.30 4.68
CA ILE B 159 23.67 16.84 6.02
C ILE B 159 24.97 17.57 6.31
N ALA B 160 24.86 18.70 7.00
CA ALA B 160 26.02 19.41 7.51
C ALA B 160 25.61 20.19 8.76
N LEU B 161 26.44 20.12 9.79
CA LEU B 161 26.13 20.70 11.09
C LEU B 161 27.43 20.92 11.88
N PHE B 162 27.56 22.07 12.56
CA PHE B 162 28.67 22.30 13.47
C PHE B 162 28.24 22.03 14.91
N ALA B 163 29.14 21.42 15.68
CA ALA B 163 28.95 21.24 17.11
C ALA B 163 30.32 21.25 17.80
N ASP B 164 30.52 22.24 18.67
CA ASP B 164 31.82 22.41 19.30
C ASP B 164 32.94 22.64 18.28
N GLY B 165 32.65 23.36 17.20
CA GLY B 165 33.64 23.64 16.19
C GLY B 165 33.92 22.49 15.21
N LYS B 166 33.46 21.28 15.54
CA LYS B 166 33.66 20.14 14.63
C LYS B 166 32.55 20.09 13.61
N LEU B 167 32.89 19.74 12.36
CA LEU B 167 31.91 19.69 11.29
C LEU B 167 31.44 18.27 11.02
N TYR B 168 30.15 18.03 11.22
CA TYR B 168 29.54 16.74 10.92
C TYR B 168 28.85 16.81 9.57
N SER B 169 29.15 15.86 8.69
CA SER B 169 28.56 15.91 7.37
C SER B 169 28.22 14.53 6.85
N ALA B 170 27.19 14.45 6.02
CA ALA B 170 26.82 13.19 5.41
C ALA B 170 26.53 13.41 3.95
N THR B 171 27.19 12.65 3.10
CA THR B 171 27.04 12.79 1.67
C THR B 171 27.86 11.70 0.98
N VAL B 172 28.23 11.91 -0.27
CA VAL B 172 29.07 10.95 -0.98
C VAL B 172 30.42 11.63 -1.18
N THR B 173 31.52 10.89 -1.09
CA THR B 173 32.85 11.51 -1.27
C THR B 173 33.29 11.56 -2.74
N ASP B 174 32.63 10.78 -3.58
CA ASP B 174 33.08 10.55 -4.96
C ASP B 174 32.14 11.07 -6.08
N PHE B 175 32.75 11.43 -7.20
CA PHE B 175 31.98 11.86 -8.37
C PHE B 175 30.85 10.88 -8.78
N LEU B 176 31.11 9.58 -8.68
CA LEU B 176 30.12 8.57 -9.09
C LEU B 176 29.07 8.27 -8.01
N ALA B 177 29.17 8.94 -6.87
CA ALA B 177 28.18 8.82 -5.80
C ALA B 177 28.03 7.38 -5.25
N ILE B 178 29.13 6.63 -5.26
CA ILE B 178 29.16 5.26 -4.73
C ILE B 178 29.55 5.22 -3.25
N ASP B 179 30.35 6.19 -2.81
CA ASP B 179 30.91 6.16 -1.46
C ASP B 179 30.19 7.09 -0.50
N ALA B 180 28.99 6.70 -0.06
CA ALA B 180 28.25 7.47 0.94
C ALA B 180 28.97 7.38 2.29
N VAL B 181 28.95 8.47 3.04
CA VAL B 181 29.76 8.57 4.25
C VAL B 181 29.07 9.45 5.30
N ILE B 182 29.34 9.18 6.56
CA ILE B 182 29.01 10.09 7.65
C ILE B 182 30.37 10.48 8.22
N TYR B 183 30.67 11.77 8.13
CA TYR B 183 32.05 12.25 8.17
C TYR B 183 32.20 13.35 9.22
N ARG B 184 33.40 13.49 9.75
CA ARG B 184 33.68 14.59 10.64
C ARG B 184 35.09 15.11 10.41
N SER B 185 35.24 16.42 10.51
CA SER B 185 36.52 17.10 10.26
C SER B 185 36.45 18.48 10.87
N LEU B 186 37.60 19.14 10.95
CA LEU B 186 37.72 20.47 11.53
C LEU B 186 37.56 20.40 13.04
N GLY B 187 37.57 21.56 13.70
CA GLY B 187 37.44 21.59 15.15
C GLY B 187 38.69 21.11 15.84
N ASP B 188 39.82 21.21 15.15
CA ASP B 188 41.11 20.77 15.69
C ASP B 188 40.97 19.39 16.32
N SER B 189 40.38 18.47 15.56
CA SER B 189 40.16 17.11 16.02
C SER B 189 40.29 16.19 14.83
N PRO B 190 40.60 14.92 15.09
CA PRO B 190 40.77 13.93 14.01
C PRO B 190 39.59 13.88 13.06
N THR B 191 39.87 13.65 11.78
CA THR B 191 38.81 13.40 10.83
C THR B 191 38.42 11.93 10.99
N LEU B 192 37.13 11.65 10.95
CA LEU B 192 36.68 10.28 11.13
C LEU B 192 35.65 9.99 10.06
N ARG B 193 35.60 8.74 9.61
CA ARG B 193 34.59 8.35 8.64
C ARG B 193 34.01 6.95 8.92
N THR B 194 32.87 6.66 8.31
CA THR B 194 32.28 5.35 8.36
C THR B 194 33.14 4.42 7.49
N VAL B 195 33.18 3.14 7.82
CA VAL B 195 34.04 2.20 7.09
C VAL B 195 33.60 2.03 5.63
N LYS B 196 34.52 2.37 4.73
CA LYS B 196 34.26 2.42 3.31
C LYS B 196 33.81 1.08 2.77
N HIS B 197 32.72 1.10 2.01
CA HIS B 197 32.24 -0.10 1.32
C HIS B 197 31.73 -1.16 2.28
N ASP B 198 31.42 -0.77 3.50
CA ASP B 198 30.90 -1.72 4.47
C ASP B 198 29.38 -1.62 4.63
N SER B 199 28.65 -2.49 3.94
CA SER B 199 27.20 -2.54 3.95
C SER B 199 26.55 -2.70 5.33
N LYS B 200 27.28 -3.24 6.29
CA LYS B 200 26.74 -3.33 7.65
C LYS B 200 26.61 -1.93 8.24
N TRP B 201 27.52 -1.05 7.85
CA TRP B 201 27.54 0.34 8.34
C TRP B 201 26.53 1.23 7.61
N LEU B 202 26.58 1.23 6.28
CA LEU B 202 25.66 2.01 5.46
C LEU B 202 25.40 1.28 4.16
N LYS B 203 24.12 1.19 3.78
CA LYS B 203 23.73 0.47 2.59
C LYS B 203 22.80 1.31 1.71
N GLU B 204 23.42 2.07 0.81
CA GLU B 204 22.76 3.02 -0.07
C GLU B 204 21.88 4.00 0.69
N PRO B 205 22.48 4.73 1.62
CA PRO B 205 21.70 5.61 2.49
C PRO B 205 21.18 6.83 1.75
N TYR B 206 20.11 7.39 2.28
CA TYR B 206 19.62 8.66 1.83
C TYR B 206 19.53 9.54 3.06
N PHE B 207 20.34 10.59 3.09
CA PHE B 207 20.53 11.40 4.30
C PHE B 207 19.48 12.47 4.53
N VAL B 208 18.95 12.53 5.75
CA VAL B 208 17.79 13.39 6.04
C VAL B 208 18.02 14.58 6.98
N GLN B 209 18.72 14.37 8.09
CA GLN B 209 18.79 15.36 9.16
C GLN B 209 19.78 14.90 10.23
N ALA B 210 20.45 15.85 10.89
CA ALA B 210 21.20 15.47 12.09
C ALA B 210 20.83 16.41 13.21
N VAL B 211 20.82 15.92 14.44
CA VAL B 211 20.68 16.85 15.56
C VAL B 211 21.77 16.71 16.62
N ASP B 212 22.00 17.81 17.34
CA ASP B 212 22.97 17.87 18.41
C ASP B 212 22.19 17.70 19.72
N TYR B 213 22.53 16.65 20.48
CA TYR B 213 21.80 16.40 21.71
C TYR B 213 22.62 15.58 22.71
N GLY B 214 22.93 16.20 23.86
CA GLY B 214 23.66 15.52 24.91
C GLY B 214 25.10 15.27 24.54
N ASP B 215 25.58 14.05 24.77
CA ASP B 215 26.95 13.69 24.44
C ASP B 215 27.11 13.23 22.99
N TYR B 216 26.01 13.27 22.22
CA TYR B 216 25.99 12.69 20.88
C TYR B 216 25.47 13.61 19.78
N ILE B 217 25.82 13.25 18.55
CA ILE B 217 25.12 13.72 17.38
C ILE B 217 24.27 12.57 16.88
N TYR B 218 23.04 12.85 16.51
CA TYR B 218 22.15 11.83 15.99
C TYR B 218 21.83 12.10 14.54
N PHE B 219 22.04 11.08 13.71
CA PHE B 219 21.80 11.15 12.27
C PHE B 219 20.53 10.40 11.89
N PHE B 220 19.64 11.07 11.14
CA PHE B 220 18.42 10.47 10.63
C PHE B 220 18.56 10.29 9.15
N PHE B 221 18.19 9.11 8.68
CA PHE B 221 18.40 8.72 7.28
C PHE B 221 17.63 7.44 6.97
N ARG B 222 17.61 7.08 5.69
CA ARG B 222 17.05 5.82 5.28
C ARG B 222 18.07 5.02 4.49
N GLU B 223 17.91 3.69 4.48
CA GLU B 223 18.82 2.80 3.78
C GLU B 223 18.15 1.47 3.52
N ILE B 224 18.78 0.66 2.67
CA ILE B 224 18.33 -0.69 2.39
C ILE B 224 18.59 -1.53 3.62
N ALA B 225 17.55 -2.24 4.10
CA ALA B 225 17.61 -2.93 5.38
C ALA B 225 18.26 -4.30 5.25
N VAL B 226 19.33 -4.51 5.99
CA VAL B 226 19.97 -5.82 6.01
C VAL B 226 19.14 -6.88 6.73
N GLU B 227 18.37 -6.47 7.74
CA GLU B 227 17.52 -7.42 8.49
C GLU B 227 16.40 -7.97 7.64
N TYR B 228 15.97 -7.22 6.63
CA TYR B 228 14.81 -7.61 5.85
C TYR B 228 15.23 -7.97 4.42
N ASN B 229 16.16 -8.92 4.29
CA ASN B 229 16.67 -9.27 2.98
C ASN B 229 15.95 -10.44 2.30
N GLY B 232 14.10 -9.31 -0.82
CA GLY B 232 13.61 -8.20 -1.61
C GLY B 232 14.16 -6.92 -0.98
N LYS B 233 14.53 -5.94 -1.81
CA LYS B 233 15.07 -4.69 -1.28
C LYS B 233 14.00 -3.94 -0.51
N VAL B 234 14.21 -3.80 0.79
CA VAL B 234 13.27 -3.06 1.59
C VAL B 234 14.01 -1.93 2.27
N VAL B 235 13.49 -0.71 2.13
CA VAL B 235 14.13 0.45 2.75
C VAL B 235 13.57 0.67 4.16
N PHE B 236 14.48 0.89 5.12
CA PHE B 236 14.07 1.19 6.49
C PHE B 236 14.53 2.57 6.88
N PRO B 237 13.79 3.22 7.79
CA PRO B 237 14.26 4.49 8.36
C PRO B 237 15.16 4.23 9.57
N ARG B 238 16.23 5.01 9.69
CA ARG B 238 17.23 4.80 10.73
C ARG B 238 17.54 6.07 11.51
N VAL B 239 17.92 5.88 12.77
CA VAL B 239 18.56 6.91 13.55
C VAL B 239 19.90 6.33 14.01
N ALA B 240 20.97 7.10 13.87
CA ALA B 240 22.28 6.65 14.36
C ALA B 240 22.84 7.68 15.31
N GLN B 241 23.66 7.21 16.26
CA GLN B 241 24.42 8.10 17.14
C GLN B 241 25.90 8.01 16.83
N VAL B 242 26.62 9.09 17.15
CA VAL B 242 28.07 9.07 17.33
C VAL B 242 28.37 9.88 18.59
N CYS B 243 29.47 9.54 19.25
CA CYS B 243 29.95 10.30 20.40
C CYS B 243 30.72 11.54 19.95
N LYS B 244 30.27 12.71 20.40
CA LYS B 244 30.95 13.97 20.12
C LYS B 244 32.46 13.92 20.34
N ASN B 245 32.90 13.06 21.26
CA ASN B 245 34.31 13.06 21.66
C ASN B 245 35.12 11.90 21.10
N ASP B 246 34.52 11.18 20.15
CA ASP B 246 35.18 10.10 19.42
C ASP B 246 36.50 10.58 18.82
N MET B 247 37.57 9.81 19.01
CA MET B 247 38.87 10.16 18.49
C MET B 247 39.38 9.12 17.49
N GLY B 248 38.53 8.13 17.16
CA GLY B 248 38.90 7.07 16.24
C GLY B 248 39.46 5.86 16.95
N GLY B 249 39.79 4.82 16.18
CA GLY B 249 40.14 3.53 16.75
C GLY B 249 41.56 3.48 17.29
N SER B 250 42.10 2.27 17.37
CA SER B 250 43.48 2.10 17.81
C SER B 250 44.35 1.93 16.58
N GLN B 251 45.64 1.72 16.81
CA GLN B 251 46.60 1.55 15.75
C GLN B 251 46.23 0.41 14.80
N ARG B 252 45.43 -0.54 15.29
CA ARG B 252 45.18 -1.76 14.52
C ARG B 252 43.70 -2.04 14.23
N VAL B 253 42.80 -1.34 14.92
CA VAL B 253 41.37 -1.48 14.62
C VAL B 253 40.65 -0.13 14.51
N LEU B 254 40.01 0.10 13.36
CA LEU B 254 39.26 1.34 13.12
C LEU B 254 40.12 2.58 13.33
N GLU B 255 41.40 2.48 12.99
CA GLU B 255 42.33 3.59 13.22
C GLU B 255 41.77 5.00 12.91
N LYS B 256 41.17 5.18 11.73
CA LYS B 256 40.68 6.50 11.34
C LYS B 256 39.18 6.50 11.10
N GLN B 257 38.48 5.63 11.82
CA GLN B 257 37.04 5.55 11.73
C GLN B 257 36.33 5.77 13.05
N TRP B 258 35.02 5.92 12.96
CA TRP B 258 34.17 6.06 14.15
C TRP B 258 34.36 4.87 15.07
N THR B 259 34.29 5.14 16.38
CA THR B 259 34.29 4.07 17.38
C THR B 259 32.97 4.08 18.14
N SER B 260 32.01 4.87 17.68
CA SER B 260 30.75 4.98 18.41
C SER B 260 29.54 4.84 17.49
N PHE B 261 29.77 4.51 16.23
CA PHE B 261 28.68 4.43 15.27
C PHE B 261 27.75 3.26 15.58
N LEU B 262 26.51 3.58 15.91
CA LEU B 262 25.46 2.62 16.14
C LEU B 262 24.19 3.18 15.54
N LYS B 263 23.34 2.30 15.02
CA LYS B 263 22.10 2.72 14.39
C LYS B 263 20.96 1.77 14.76
N ALA B 264 19.73 2.22 14.55
CA ALA B 264 18.55 1.43 14.87
C ALA B 264 17.39 1.85 13.97
N ARG B 265 16.51 0.89 13.69
CA ARG B 265 15.30 1.15 12.93
C ARG B 265 14.42 2.12 13.72
N LEU B 266 13.72 2.99 13.00
CA LEU B 266 12.70 3.85 13.58
C LEU B 266 11.32 3.25 13.33
N ASN B 267 10.52 3.17 14.39
CA ASN B 267 9.20 2.54 14.32
C ASN B 267 8.11 3.58 14.10
N CYS B 268 7.55 3.63 12.90
CA CYS B 268 6.34 4.42 12.64
C CYS B 268 5.28 3.53 12.01
N SER B 269 4.35 3.06 12.84
CA SER B 269 3.39 2.05 12.42
C SER B 269 2.01 2.30 13.02
N VAL B 270 0.99 1.79 12.34
CA VAL B 270 -0.35 1.76 12.91
C VAL B 270 -0.52 0.50 13.75
N PRO B 271 -0.95 0.66 15.00
CA PRO B 271 -1.17 -0.45 15.94
C PRO B 271 -2.16 -1.49 15.41
N GLY B 272 -2.14 -2.67 16.02
CA GLY B 272 -3.01 -3.77 15.64
C GLY B 272 -2.28 -5.06 15.91
N ASP B 273 -2.84 -6.18 15.46
CA ASP B 273 -2.16 -7.46 15.59
C ASP B 273 -1.03 -7.53 14.58
N SER B 274 -1.34 -7.09 13.36
CA SER B 274 -0.33 -6.93 12.31
C SER B 274 -0.09 -5.44 12.08
N HIS B 275 1.15 -5.01 12.27
CA HIS B 275 1.46 -3.59 12.15
C HIS B 275 1.75 -3.21 10.70
N PHE B 276 1.30 -2.02 10.32
CA PHE B 276 1.65 -1.47 9.01
C PHE B 276 2.66 -0.35 9.23
N TYR B 277 3.81 -0.45 8.56
CA TYR B 277 4.94 0.46 8.77
C TYR B 277 5.04 1.52 7.69
N PHE B 278 5.33 2.76 8.09
CA PHE B 278 5.72 3.78 7.13
C PHE B 278 7.24 3.80 7.15
N ASN B 279 7.86 3.55 5.99
CA ASN B 279 9.32 3.34 5.93
C ASN B 279 10.17 4.45 5.30
N ILE B 280 9.64 5.18 4.33
CA ILE B 280 10.45 6.15 3.62
C ILE B 280 10.49 7.49 4.36
N LEU B 281 11.55 7.69 5.13
CA LEU B 281 11.71 8.90 5.93
C LEU B 281 11.87 10.13 5.03
N GLN B 282 11.08 11.18 5.29
CA GLN B 282 11.10 12.35 4.42
C GLN B 282 11.82 13.52 5.08
N ALA B 283 11.46 13.83 6.32
CA ALA B 283 12.05 14.94 7.06
C ALA B 283 11.96 14.74 8.56
N VAL B 284 12.84 15.44 9.28
CA VAL B 284 12.87 15.41 10.73
C VAL B 284 13.19 16.82 11.23
N THR B 285 12.46 17.26 12.27
CA THR B 285 12.69 18.57 12.88
C THR B 285 14.00 18.59 13.69
N ASP B 286 14.43 19.77 14.11
CA ASP B 286 15.41 19.83 15.20
C ASP B 286 14.71 19.37 16.48
N VAL B 287 15.47 19.09 17.53
CA VAL B 287 14.88 18.75 18.80
C VAL B 287 14.03 19.91 19.33
N ILE B 288 12.85 19.59 19.84
CA ILE B 288 11.92 20.61 20.30
C ILE B 288 11.33 20.25 21.66
N ARG B 289 11.32 21.21 22.57
CA ARG B 289 10.70 21.03 23.89
C ARG B 289 9.19 21.18 23.76
N ILE B 290 8.46 20.14 24.12
CA ILE B 290 7.00 20.21 24.16
C ILE B 290 6.46 19.63 25.46
N ASN B 291 6.18 20.50 26.42
CA ASN B 291 5.70 20.09 27.74
C ASN B 291 6.64 19.15 28.49
N GLY B 292 7.86 19.61 28.73
CA GLY B 292 8.82 18.89 29.54
C GLY B 292 9.67 17.88 28.79
N ARG B 293 9.32 17.62 27.54
CA ARG B 293 9.99 16.58 26.76
C ARG B 293 10.78 17.13 25.55
N ASP B 294 11.94 16.54 25.30
CA ASP B 294 12.71 16.85 24.08
C ASP B 294 12.38 15.83 23.01
N VAL B 295 11.75 16.29 21.94
CA VAL B 295 11.26 15.40 20.90
C VAL B 295 11.63 15.91 19.52
N VAL B 296 11.56 15.02 18.54
CA VAL B 296 11.60 15.41 17.14
C VAL B 296 10.34 14.86 16.51
N LEU B 297 9.84 15.55 15.48
CA LEU B 297 8.76 15.02 14.65
C LEU B 297 9.35 14.63 13.33
N ALA B 298 8.78 13.60 12.70
CA ALA B 298 9.32 13.15 11.43
C ALA B 298 8.19 12.74 10.52
N THR B 299 8.35 13.00 9.24
CA THR B 299 7.39 12.57 8.24
C THR B 299 7.91 11.35 7.49
N PHE B 300 7.01 10.42 7.19
CA PHE B 300 7.34 9.21 6.46
C PHE B 300 6.30 9.01 5.35
N SER B 301 6.68 8.35 4.28
CA SER B 301 5.71 7.87 3.31
C SER B 301 5.91 6.38 3.05
N THR B 302 5.01 5.80 2.26
CA THR B 302 5.17 4.45 1.76
C THR B 302 6.10 4.51 0.56
N PRO B 303 6.64 3.36 0.14
CA PRO B 303 7.51 3.38 -1.04
C PRO B 303 6.74 3.93 -2.24
N TYR B 304 7.47 4.52 -3.18
CA TYR B 304 6.84 5.35 -4.20
C TYR B 304 5.98 4.57 -5.21
N ASN B 305 6.27 3.28 -5.37
CA ASN B 305 5.46 2.45 -6.24
C ASN B 305 4.46 1.60 -5.48
N SER B 306 4.12 2.03 -4.26
CA SER B 306 3.16 1.30 -3.46
C SER B 306 1.89 2.15 -3.37
N ILE B 307 0.84 1.63 -2.73
CA ILE B 307 -0.32 2.46 -2.43
C ILE B 307 0.16 3.66 -1.60
N PRO B 308 -0.07 4.89 -2.10
CA PRO B 308 0.41 6.13 -1.47
C PRO B 308 -0.13 6.38 -0.05
N GLY B 309 0.73 6.84 0.84
CA GLY B 309 0.31 7.22 2.18
C GLY B 309 1.44 7.93 2.89
N SER B 310 1.11 8.78 3.85
CA SER B 310 2.14 9.49 4.60
C SER B 310 1.77 9.51 6.05
N ALA B 311 2.76 9.69 6.90
CA ALA B 311 2.51 9.70 8.33
C ALA B 311 3.49 10.64 9.03
N VAL B 312 3.05 11.17 10.16
CA VAL B 312 3.95 11.90 11.02
C VAL B 312 4.02 11.12 12.31
N CYS B 313 5.23 10.76 12.71
CA CYS B 313 5.42 10.11 14.00
C CYS B 313 6.33 11.00 14.80
N ALA B 314 6.13 11.00 16.11
CA ALA B 314 6.97 11.76 17.02
C ALA B 314 7.89 10.85 17.83
N TYR B 315 9.05 11.38 18.20
CA TYR B 315 10.01 10.62 18.99
C TYR B 315 10.55 11.43 20.15
N ASP B 316 10.60 10.79 21.31
CA ASP B 316 11.23 11.36 22.48
C ASP B 316 12.72 11.06 22.44
N MET B 317 13.57 12.05 22.71
CA MET B 317 15.02 11.83 22.69
C MET B 317 15.48 10.80 23.72
N LEU B 318 14.73 10.62 24.80
CA LEU B 318 15.05 9.60 25.79
C LEU B 318 14.89 8.18 25.22
N ASP B 319 13.85 7.99 24.40
CA ASP B 319 13.60 6.71 23.78
C ASP B 319 14.68 6.41 22.74
N ILE B 320 15.16 7.44 22.08
CA ILE B 320 16.23 7.28 21.11
C ILE B 320 17.53 6.92 21.82
N ALA B 321 17.89 7.70 22.83
CA ALA B 321 19.03 7.38 23.67
C ALA B 321 18.97 5.93 24.12
N ASN B 322 17.76 5.50 24.49
CA ASN B 322 17.52 4.18 25.10
C ASN B 322 17.84 2.94 24.24
N VAL B 323 17.51 2.97 22.94
CA VAL B 323 17.74 1.78 22.10
C VAL B 323 19.22 1.45 22.04
N PHE B 324 20.06 2.47 22.16
CA PHE B 324 21.49 2.23 22.04
C PHE B 324 22.10 1.51 23.24
N THR B 325 21.30 1.31 24.29
CA THR B 325 21.74 0.59 25.49
C THR B 325 21.25 -0.85 25.50
N GLY B 326 20.38 -1.19 24.55
CA GLY B 326 19.83 -2.54 24.45
C GLY B 326 20.77 -3.54 23.79
N ARG B 327 20.24 -4.73 23.46
CA ARG B 327 21.02 -5.77 22.79
C ARG B 327 21.26 -5.44 21.32
N PHE B 328 22.42 -5.87 20.81
CA PHE B 328 22.79 -5.68 19.42
C PHE B 328 22.20 -6.79 18.54
N LYS B 329 22.08 -6.53 17.25
CA LYS B 329 21.62 -7.57 16.32
C LYS B 329 22.81 -8.36 15.75
N GLU B 330 22.55 -9.58 15.26
CA GLU B 330 23.60 -10.43 14.70
C GLU B 330 23.02 -11.50 13.78
N GLN B 331 23.81 -11.91 12.79
CA GLN B 331 23.47 -13.10 12.03
C GLN B 331 24.32 -14.25 12.53
N LYS B 332 23.71 -15.10 13.36
CA LYS B 332 24.43 -16.19 14.03
C LYS B 332 25.14 -17.07 13.01
N SER B 333 24.70 -16.98 11.77
CA SER B 333 25.32 -17.72 10.67
C SER B 333 24.81 -17.14 9.35
N PRO B 334 25.54 -17.37 8.26
CA PRO B 334 25.22 -16.72 6.98
C PRO B 334 23.79 -16.98 6.53
N ASP B 335 23.13 -15.94 6.01
CA ASP B 335 21.79 -16.07 5.45
C ASP B 335 20.73 -16.56 6.45
N SER B 336 21.05 -16.50 7.74
CA SER B 336 20.08 -16.84 8.76
C SER B 336 19.26 -15.60 9.09
N THR B 337 18.30 -15.75 9.98
CA THR B 337 17.53 -14.61 10.47
C THR B 337 18.33 -13.89 11.55
N TRP B 338 18.10 -12.59 11.67
CA TRP B 338 18.83 -11.79 12.61
C TRP B 338 18.29 -11.94 14.03
N THR B 339 19.20 -12.12 14.98
CA THR B 339 18.83 -12.34 16.36
C THR B 339 19.63 -11.43 17.29
N PRO B 340 19.10 -11.18 18.50
CA PRO B 340 19.80 -10.32 19.45
C PRO B 340 21.00 -11.05 20.07
N VAL B 341 22.13 -10.34 20.17
CA VAL B 341 23.31 -10.91 20.82
C VAL B 341 23.05 -10.99 22.32
N PRO B 342 23.51 -12.06 22.97
CA PRO B 342 23.35 -12.16 24.44
C PRO B 342 24.33 -11.21 25.13
N ASP B 343 23.87 -10.47 26.14
CA ASP B 343 24.71 -9.46 26.78
C ASP B 343 26.00 -10.07 27.33
N GLU B 344 25.96 -11.36 27.63
CA GLU B 344 27.16 -12.08 28.06
C GLU B 344 28.25 -12.00 26.99
N ARG B 345 27.88 -11.65 25.77
CA ARG B 345 28.84 -11.64 24.66
C ARG B 345 29.36 -10.25 24.27
N VAL B 346 28.74 -9.20 24.78
CA VAL B 346 29.24 -7.84 24.53
C VAL B 346 30.41 -7.50 25.45
N PRO B 347 31.53 -7.06 24.86
CA PRO B 347 32.77 -6.79 25.58
C PRO B 347 32.66 -5.61 26.54
N LYS B 348 33.75 -5.35 27.26
CA LYS B 348 33.87 -4.19 28.13
C LYS B 348 35.18 -3.45 27.79
N PRO B 349 35.10 -2.13 27.60
CA PRO B 349 33.88 -1.31 27.70
C PRO B 349 32.83 -1.74 26.69
N ARG B 350 31.57 -1.48 27.01
CA ARG B 350 30.47 -1.76 26.12
C ARG B 350 30.61 -0.90 24.86
N PRO B 351 30.49 -1.53 23.68
CA PRO B 351 30.59 -0.82 22.39
C PRO B 351 29.63 0.35 22.31
N GLY B 352 30.15 1.52 21.96
CA GLY B 352 29.29 2.67 21.71
C GLY B 352 29.11 3.63 22.87
N CYS B 353 29.62 3.28 24.04
CA CYS B 353 29.63 4.21 25.17
C CYS B 353 30.87 5.10 25.06
N CYS B 354 30.67 6.40 25.25
CA CYS B 354 31.77 7.37 25.08
C CYS B 354 32.88 7.19 26.12
N ALA B 355 34.12 7.41 25.69
CA ALA B 355 35.24 7.43 26.62
C ALA B 355 35.03 8.54 27.65
N GLY B 356 35.41 8.26 28.89
CA GLY B 356 35.18 9.18 29.99
C GLY B 356 33.82 8.98 30.63
N SER B 357 33.03 8.06 30.04
CA SER B 357 31.68 7.78 30.50
C SER B 357 31.63 7.00 31.81
N SER B 358 30.45 6.95 32.39
CA SER B 358 30.17 6.14 33.59
C SER B 358 31.21 5.09 33.92
N SER B 359 31.31 4.05 33.11
CA SER B 359 32.23 2.94 33.40
C SER B 359 33.57 3.06 32.70
N LEU B 360 33.79 4.17 31.99
CA LEU B 360 34.96 4.32 31.12
C LEU B 360 35.93 5.43 31.53
N GLU B 361 35.99 5.75 32.82
CA GLU B 361 36.93 6.76 33.29
C GLU B 361 38.38 6.34 32.98
N LYS B 362 38.64 5.03 33.05
CA LYS B 362 39.95 4.49 32.73
C LYS B 362 40.44 4.86 31.33
N TYR B 363 39.51 5.25 30.46
CA TYR B 363 39.82 5.53 29.06
C TYR B 363 39.81 7.03 28.73
N ALA B 364 40.97 7.56 28.41
CA ALA B 364 41.11 8.97 28.04
C ALA B 364 40.41 9.28 26.71
N THR B 365 40.76 8.52 25.67
CA THR B 365 40.12 8.65 24.38
C THR B 365 39.85 7.27 23.79
N SER B 366 39.03 7.23 22.74
CA SER B 366 38.68 5.98 22.08
C SER B 366 39.91 5.25 21.56
N ASN B 367 41.00 5.99 21.34
CA ASN B 367 42.25 5.40 20.88
C ASN B 367 42.77 4.33 21.83
N GLU B 368 42.29 4.37 23.07
CA GLU B 368 42.71 3.41 24.09
C GLU B 368 41.80 2.20 24.20
N PHE B 369 40.61 2.27 23.61
CA PHE B 369 39.69 1.14 23.63
C PHE B 369 40.43 -0.12 23.21
N PRO B 370 40.12 -1.26 23.86
CA PRO B 370 40.81 -2.51 23.51
C PRO B 370 40.30 -3.06 22.19
N ASP B 371 41.17 -3.73 21.42
CA ASP B 371 40.78 -4.35 20.16
C ASP B 371 39.43 -5.08 20.22
N ASP B 372 39.16 -5.72 21.36
CA ASP B 372 37.95 -6.55 21.48
C ASP B 372 36.62 -5.80 21.30
N THR B 373 36.45 -4.65 21.95
CA THR B 373 35.22 -3.89 21.76
C THR B 373 35.21 -3.20 20.39
N LEU B 374 36.38 -2.80 19.89
CA LEU B 374 36.48 -2.15 18.59
C LEU B 374 36.09 -3.10 17.46
N ASN B 375 36.61 -4.33 17.51
CA ASN B 375 36.26 -5.34 16.52
C ASN B 375 34.78 -5.64 16.55
N PHE B 376 34.22 -5.70 17.76
CA PHE B 376 32.80 -5.98 17.93
C PHE B 376 31.93 -4.90 17.32
N ILE B 377 32.26 -3.62 17.55
CA ILE B 377 31.39 -2.55 17.05
C ILE B 377 31.47 -2.44 15.52
N LYS B 378 32.66 -2.63 14.97
CA LYS B 378 32.84 -2.67 13.52
C LYS B 378 31.92 -3.72 12.88
N THR B 379 31.65 -4.78 13.62
CA THR B 379 30.84 -5.93 13.17
C THR B 379 29.38 -5.86 13.62
N HIS B 380 29.07 -4.96 14.55
CA HIS B 380 27.69 -4.89 15.06
C HIS B 380 27.13 -3.46 15.18
N PRO B 381 27.13 -2.68 14.07
CA PRO B 381 26.62 -1.30 14.16
C PRO B 381 25.11 -1.22 14.36
N LEU B 382 24.39 -2.31 14.11
CA LEU B 382 22.92 -2.28 14.19
C LEU B 382 22.36 -2.86 15.47
N MET B 383 21.43 -2.14 16.09
CA MET B 383 20.78 -2.65 17.30
C MET B 383 19.64 -3.57 16.91
N ASP B 384 19.31 -4.50 17.81
CA ASP B 384 18.19 -5.41 17.59
C ASP B 384 16.85 -4.67 17.53
N GLU B 385 16.68 -3.69 18.41
CA GLU B 385 15.40 -3.02 18.62
C GLU B 385 15.14 -1.78 17.76
N ALA B 386 13.86 -1.49 17.57
CA ALA B 386 13.41 -0.27 16.91
C ALA B 386 13.00 0.79 17.94
N VAL B 387 13.20 2.07 17.61
CA VAL B 387 12.73 3.13 18.49
C VAL B 387 11.21 3.24 18.37
N PRO B 388 10.48 3.18 19.50
CA PRO B 388 9.03 3.37 19.38
C PRO B 388 8.66 4.86 19.27
N SER B 389 7.56 5.17 18.58
CA SER B 389 7.03 6.53 18.57
C SER B 389 6.35 6.82 19.90
N ILE B 390 5.93 8.06 20.09
CA ILE B 390 5.53 8.52 21.42
C ILE B 390 4.28 7.85 22.00
N ILE B 391 3.19 7.77 21.24
CA ILE B 391 2.05 7.01 21.74
C ILE B 391 1.98 5.67 21.02
N ASN B 392 3.13 5.24 20.50
CA ASN B 392 3.19 4.00 19.75
C ASN B 392 2.20 4.02 18.61
N ARG B 393 1.94 5.22 18.08
CA ARG B 393 1.05 5.37 16.92
C ARG B 393 1.29 6.69 16.19
N PRO B 394 0.98 6.75 14.89
CA PRO B 394 1.28 7.97 14.16
C PRO B 394 0.53 9.17 14.72
N TRP B 395 1.25 10.27 14.86
CA TRP B 395 0.71 11.55 15.29
C TRP B 395 -0.33 12.04 14.29
N PHE B 396 -0.13 11.71 13.02
CA PHE B 396 -1.03 12.12 11.95
C PHE B 396 -0.90 11.18 10.75
N LEU B 397 -2.00 10.97 10.03
CA LEU B 397 -2.04 10.07 8.88
C LEU B 397 -2.75 10.72 7.70
N ARG B 398 -2.19 10.56 6.51
CA ARG B 398 -2.86 11.00 5.29
C ARG B 398 -2.74 9.95 4.19
N THR B 399 -3.86 9.49 3.63
CA THR B 399 -3.83 8.41 2.65
C THR B 399 -4.68 8.59 1.40
N MET B 400 -5.52 9.62 1.34
CA MET B 400 -6.47 9.69 0.25
C MET B 400 -6.00 10.57 -0.89
N VAL B 401 -4.69 10.77 -0.98
CA VAL B 401 -4.14 11.82 -1.83
C VAL B 401 -2.88 11.41 -2.58
N ARG B 402 -2.62 12.08 -3.70
CA ARG B 402 -1.46 11.74 -4.53
C ARG B 402 -0.17 12.39 -4.04
N TYR B 403 -0.28 13.41 -3.20
CA TYR B 403 0.94 14.03 -2.67
C TYR B 403 1.43 13.29 -1.44
N ARG B 404 2.69 13.54 -1.06
CA ARG B 404 3.22 13.07 0.22
C ARG B 404 3.74 14.20 1.12
N LEU B 405 3.63 14.00 2.42
CA LEU B 405 4.06 14.96 3.42
C LEU B 405 5.57 14.99 3.54
N THR B 406 6.17 16.16 3.42
CA THR B 406 7.63 16.25 3.48
C THR B 406 8.12 17.20 4.56
N LYS B 407 8.38 18.45 4.20
CA LYS B 407 8.96 19.41 5.16
C LYS B 407 8.11 19.64 6.41
N ILE B 408 8.77 19.99 7.52
CA ILE B 408 8.08 20.25 8.78
C ILE B 408 8.54 21.56 9.44
N ALA B 409 7.59 22.31 9.99
CA ALA B 409 7.91 23.47 10.83
C ALA B 409 6.98 23.52 12.05
N VAL B 410 7.56 23.75 13.22
CA VAL B 410 6.82 23.70 14.48
C VAL B 410 6.91 24.99 15.29
N ASP B 411 5.78 25.43 15.84
CA ASP B 411 5.76 26.57 16.75
C ASP B 411 5.28 26.09 18.11
N ASN B 412 6.20 25.91 19.05
CA ASN B 412 5.87 25.32 20.34
C ASN B 412 5.48 26.35 21.40
N ALA B 413 5.41 27.62 20.99
CA ALA B 413 5.01 28.71 21.89
C ALA B 413 4.01 29.61 21.19
N ALA B 414 2.99 29.01 20.58
CA ALA B 414 2.03 29.76 19.79
C ALA B 414 0.84 30.24 20.60
N GLY B 415 0.27 31.37 20.18
CA GLY B 415 -0.91 31.91 20.82
C GLY B 415 -0.59 33.10 21.71
N PRO B 416 -1.64 33.68 22.32
CA PRO B 416 -1.50 34.83 23.22
C PRO B 416 -0.75 34.42 24.48
N TYR B 417 -1.08 33.23 25.00
CA TYR B 417 -0.44 32.70 26.18
C TYR B 417 0.73 31.79 25.82
N GLN B 418 1.10 31.81 24.54
CA GLN B 418 2.28 31.09 24.08
C GLN B 418 2.35 29.68 24.65
N ASN B 419 1.19 29.07 24.86
CA ASN B 419 1.15 27.73 25.43
C ASN B 419 0.49 26.71 24.52
N HIS B 420 0.64 26.91 23.21
CA HIS B 420 0.11 25.97 22.24
C HIS B 420 1.16 25.59 21.21
N THR B 421 1.15 24.33 20.80
CA THR B 421 2.08 23.83 19.81
C THR B 421 1.37 23.60 18.48
N VAL B 422 1.76 24.38 17.47
CA VAL B 422 1.20 24.26 16.13
C VAL B 422 2.22 23.69 15.15
N VAL B 423 1.79 22.70 14.37
CA VAL B 423 2.64 22.00 13.42
C VAL B 423 2.22 22.29 11.97
N PHE B 424 3.20 22.62 11.13
CA PHE B 424 2.96 22.80 9.70
C PHE B 424 3.67 21.70 8.91
N LEU B 425 2.97 21.13 7.95
CA LEU B 425 3.56 20.11 7.08
C LEU B 425 3.48 20.58 5.63
N GLY B 426 4.62 20.57 4.95
CA GLY B 426 4.63 20.85 3.53
C GLY B 426 4.48 19.57 2.72
N SER B 427 4.38 19.71 1.41
CA SER B 427 4.28 18.56 0.53
C SER B 427 5.02 18.80 -0.79
N GLU B 428 5.14 17.75 -1.57
CA GLU B 428 5.80 17.82 -2.87
C GLU B 428 4.89 18.50 -3.88
N LYS B 429 3.67 18.84 -3.48
CA LYS B 429 2.73 19.49 -4.38
C LYS B 429 2.31 20.90 -3.94
N GLY B 430 3.11 21.50 -3.05
CA GLY B 430 2.86 22.88 -2.66
C GLY B 430 1.69 23.08 -1.70
N ILE B 431 1.09 21.99 -1.24
CA ILE B 431 0.05 22.05 -0.22
C ILE B 431 0.67 22.07 1.17
N ILE B 432 0.12 22.92 2.06
CA ILE B 432 0.56 22.99 3.45
C ILE B 432 -0.56 22.54 4.40
N LEU B 433 -0.21 21.75 5.41
CA LEU B 433 -1.18 21.28 6.39
C LEU B 433 -0.84 21.84 7.78
N LYS B 434 -1.87 22.38 8.45
CA LYS B 434 -1.68 22.98 9.75
C LYS B 434 -2.44 22.24 10.85
N PHE B 435 -1.74 21.90 11.92
CA PHE B 435 -2.30 21.15 13.03
C PHE B 435 -2.06 21.79 14.39
N LEU B 436 -2.99 21.51 15.31
CA LEU B 436 -2.77 21.77 16.73
C LEU B 436 -2.30 20.44 17.31
N ALA B 437 -1.25 20.49 18.14
CA ALA B 437 -0.81 19.27 18.81
C ALA B 437 -1.61 19.09 20.10
N ARG B 438 -2.48 18.09 20.12
CA ARG B 438 -3.22 17.78 21.33
C ARG B 438 -2.25 17.37 22.42
N ILE B 439 -2.55 17.76 23.66
CA ILE B 439 -1.74 17.34 24.80
C ILE B 439 -2.58 16.53 25.76
N GLY B 440 -2.15 15.30 26.03
CA GLY B 440 -2.90 14.38 26.85
C GLY B 440 -2.64 14.54 28.34
N SER B 441 -3.50 13.92 29.14
CA SER B 441 -3.41 14.01 30.59
C SER B 441 -2.31 13.11 31.15
N LEU B 445 1.16 14.56 24.44
CA LEU B 445 1.11 14.32 23.00
C LEU B 445 0.03 13.30 22.62
N ASN B 446 -1.23 13.64 22.88
CA ASN B 446 -2.36 12.74 22.63
C ASN B 446 -2.91 12.87 21.20
N GLY B 447 -2.02 13.11 20.24
CA GLY B 447 -2.42 13.18 18.84
C GLY B 447 -2.42 14.58 18.24
N SER B 448 -3.27 14.78 17.24
CA SER B 448 -3.32 16.05 16.52
C SER B 448 -4.74 16.47 16.15
N LEU B 449 -4.95 17.78 16.04
CA LEU B 449 -6.20 18.34 15.51
C LEU B 449 -5.92 19.01 14.17
N PHE B 450 -6.59 18.54 13.13
CA PHE B 450 -6.39 19.05 11.78
C PHE B 450 -7.09 20.41 11.65
N LEU B 451 -6.31 21.49 11.62
CA LEU B 451 -6.90 22.82 11.62
C LEU B 451 -7.18 23.33 10.22
N GLU B 452 -6.28 23.07 9.28
CA GLU B 452 -6.36 23.76 8.02
C GLU B 452 -5.46 23.16 6.94
N GLU B 453 -5.94 23.22 5.70
CA GLU B 453 -5.20 22.82 4.52
C GLU B 453 -5.15 24.01 3.57
N MET B 454 -3.96 24.43 3.16
CA MET B 454 -3.82 25.59 2.28
C MET B 454 -2.88 25.34 1.10
N ASN B 455 -3.33 25.70 -0.11
CA ASN B 455 -2.44 25.70 -1.26
C ASN B 455 -1.80 27.08 -1.37
N VAL B 456 -0.47 27.14 -1.38
CA VAL B 456 0.21 28.44 -1.37
C VAL B 456 1.12 28.70 -2.55
N TYR B 457 1.16 27.77 -3.51
CA TYR B 457 1.96 28.00 -4.70
C TYR B 457 1.34 29.10 -5.55
N ASN B 458 2.13 30.11 -5.87
CA ASN B 458 1.67 31.23 -6.70
C ASN B 458 2.15 31.07 -8.13
N PRO B 459 1.32 30.44 -8.99
CA PRO B 459 1.73 30.09 -10.35
C PRO B 459 2.12 31.33 -11.15
N GLU B 460 1.50 32.46 -10.83
CA GLU B 460 1.77 33.69 -11.54
C GLU B 460 3.21 34.15 -11.27
N LYS B 461 3.60 34.14 -10.00
CA LYS B 461 4.90 34.68 -9.59
C LYS B 461 6.01 33.62 -9.55
N CYS B 462 5.64 32.34 -9.61
CA CYS B 462 6.60 31.27 -9.35
C CYS B 462 6.86 30.38 -10.57
N SER B 463 5.88 30.27 -11.46
CA SER B 463 6.09 29.48 -12.67
C SER B 463 7.28 30.05 -13.43
N TYR B 464 7.83 29.25 -14.34
CA TYR B 464 8.98 29.68 -15.12
C TYR B 464 8.99 28.94 -16.44
N ASP B 465 8.77 29.67 -17.53
CA ASP B 465 8.77 29.08 -18.86
C ASP B 465 7.79 27.92 -18.98
N GLY B 466 6.56 28.15 -18.54
CA GLY B 466 5.50 27.18 -18.67
C GLY B 466 5.43 26.12 -17.58
N VAL B 467 6.58 25.80 -16.99
CA VAL B 467 6.66 24.72 -16.00
C VAL B 467 6.35 25.16 -14.57
N GLU B 468 5.66 24.29 -13.83
CA GLU B 468 5.32 24.57 -12.44
C GLU B 468 5.85 23.50 -11.50
N ASP B 469 7.00 23.77 -10.88
CA ASP B 469 7.57 22.83 -9.92
C ASP B 469 7.10 23.15 -8.49
N LYS B 470 6.08 22.41 -8.03
CA LYS B 470 5.40 22.78 -6.79
C LYS B 470 6.02 22.13 -5.56
N ARG B 471 7.20 21.52 -5.72
CA ARG B 471 7.89 20.91 -4.58
C ARG B 471 8.39 21.96 -3.59
N ILE B 472 8.03 21.78 -2.32
CA ILE B 472 8.50 22.66 -1.26
C ILE B 472 9.94 22.30 -0.88
N MET B 473 10.84 23.27 -0.95
CA MET B 473 12.27 23.05 -0.73
C MET B 473 12.66 23.32 0.72
N GLY B 474 11.81 24.04 1.44
CA GLY B 474 12.09 24.39 2.81
C GLY B 474 11.03 25.26 3.44
N MET B 475 10.89 25.16 4.75
CA MET B 475 9.96 26.02 5.47
C MET B 475 10.66 26.60 6.69
N GLN B 476 10.46 27.89 6.93
CA GLN B 476 11.00 28.53 8.11
C GLN B 476 9.92 29.36 8.77
N LEU B 477 9.50 28.94 9.96
CA LEU B 477 8.48 29.65 10.71
C LEU B 477 9.12 30.75 11.54
N ASP B 478 8.60 31.97 11.39
CA ASP B 478 9.14 33.08 12.16
C ASP B 478 8.09 33.72 13.04
N ARG B 479 8.14 33.45 14.35
CA ARG B 479 7.19 34.03 15.29
C ARG B 479 7.14 35.55 15.21
N ALA B 480 8.32 36.17 15.27
CA ALA B 480 8.42 37.62 15.38
C ALA B 480 7.68 38.37 14.29
N SER B 481 7.57 37.78 13.10
CA SER B 481 6.92 38.44 11.98
C SER B 481 5.63 37.75 11.58
N GLY B 482 5.19 36.81 12.42
CA GLY B 482 3.93 36.09 12.21
C GLY B 482 3.89 35.45 10.83
N SER B 483 5.02 34.95 10.38
CA SER B 483 5.10 34.43 9.02
C SER B 483 5.69 33.03 8.99
N LEU B 484 5.26 32.28 7.99
CA LEU B 484 5.87 31.02 7.62
C LEU B 484 6.46 31.21 6.22
N TYR B 485 7.78 31.15 6.13
CA TYR B 485 8.42 31.28 4.82
C TYR B 485 8.52 29.91 4.14
N VAL B 486 7.92 29.80 2.96
CA VAL B 486 7.89 28.54 2.22
C VAL B 486 8.69 28.71 0.93
N ALA B 487 9.71 27.89 0.75
CA ALA B 487 10.58 28.00 -0.41
C ALA B 487 10.22 26.97 -1.49
N PHE B 488 10.01 27.44 -2.71
CA PHE B 488 9.95 26.57 -3.88
C PHE B 488 11.26 26.78 -4.65
N SER B 489 11.50 25.99 -5.69
CA SER B 489 12.72 26.18 -6.50
C SER B 489 12.89 27.60 -6.98
N THR B 490 11.76 28.25 -7.28
CA THR B 490 11.77 29.51 -8.02
C THR B 490 11.42 30.74 -7.20
N CYS B 491 10.89 30.53 -5.99
CA CYS B 491 10.41 31.65 -5.16
C CYS B 491 10.35 31.26 -3.69
N VAL B 492 10.36 32.25 -2.81
CA VAL B 492 10.04 32.02 -1.40
C VAL B 492 8.77 32.78 -1.07
N ILE B 493 7.84 32.14 -0.37
CA ILE B 493 6.56 32.78 -0.11
C ILE B 493 6.34 33.12 1.37
N LYS B 494 5.89 34.35 1.61
CA LYS B 494 5.69 34.90 2.94
C LYS B 494 4.25 34.63 3.44
N VAL B 495 4.07 33.56 4.19
CA VAL B 495 2.74 33.14 4.60
C VAL B 495 2.33 33.55 6.02
N PRO B 496 1.18 34.22 6.14
CA PRO B 496 0.63 34.61 7.45
C PRO B 496 0.44 33.39 8.33
N LEU B 497 0.99 33.39 9.53
CA LEU B 497 0.88 32.24 10.42
C LEU B 497 -0.58 31.89 10.70
N GLY B 498 -1.39 32.94 10.84
CA GLY B 498 -2.82 32.77 11.05
C GLY B 498 -3.62 33.63 10.10
N ARG B 499 -4.50 32.97 9.33
CA ARG B 499 -5.38 33.68 8.40
C ARG B 499 -6.65 34.14 9.09
N CYS B 500 -6.49 34.93 10.16
CA CYS B 500 -7.58 35.31 11.04
C CYS B 500 -8.75 35.97 10.31
N GLU B 501 -8.43 36.89 9.41
CA GLU B 501 -9.45 37.69 8.77
C GLU B 501 -10.36 36.87 7.85
N ARG B 502 -9.88 35.71 7.42
CA ARG B 502 -10.66 34.84 6.54
C ARG B 502 -12.03 34.55 7.14
N HIS B 503 -12.05 34.06 8.38
CA HIS B 503 -13.31 33.78 9.07
C HIS B 503 -14.08 35.07 9.32
N CYS B 506 -17.69 37.27 11.63
CA CYS B 506 -18.49 36.13 12.13
C CYS B 506 -17.84 35.55 13.38
N LYS B 507 -18.48 35.73 14.52
CA LYS B 507 -17.90 35.28 15.79
C LYS B 507 -17.82 33.75 15.91
N LYS B 508 -18.87 33.05 15.48
CA LYS B 508 -18.90 31.59 15.59
C LYS B 508 -17.75 30.93 14.84
N THR B 509 -17.70 31.15 13.53
CA THR B 509 -16.63 30.63 12.68
C THR B 509 -15.27 30.86 13.32
N CYS B 510 -15.07 32.08 13.82
CA CYS B 510 -13.80 32.49 14.42
C CYS B 510 -13.39 31.61 15.61
N ILE B 511 -14.30 31.49 16.58
CA ILE B 511 -14.07 30.70 17.78
C ILE B 511 -13.83 29.22 17.47
N ALA B 512 -14.71 28.65 16.66
CA ALA B 512 -14.65 27.23 16.29
C ALA B 512 -13.36 26.82 15.59
N SER B 513 -12.70 27.77 14.92
CA SER B 513 -11.46 27.46 14.20
C SER B 513 -10.42 26.87 15.13
N ARG B 514 -10.53 27.20 16.41
CA ARG B 514 -9.63 26.68 17.43
C ARG B 514 -8.18 26.96 17.03
N ASP B 515 -8.00 28.04 16.27
CA ASP B 515 -6.68 28.43 15.76
C ASP B 515 -5.98 29.43 16.71
N PRO B 516 -4.87 29.00 17.33
CA PRO B 516 -4.15 29.78 18.35
C PRO B 516 -3.66 31.16 17.90
N TYR B 517 -3.53 31.40 16.60
CA TYR B 517 -3.11 32.71 16.11
C TYR B 517 -4.27 33.67 15.91
N CYS B 518 -5.50 33.15 15.98
CA CYS B 518 -6.68 33.95 15.70
C CYS B 518 -7.66 33.98 16.87
N GLY B 519 -8.27 35.14 17.08
CA GLY B 519 -9.25 35.31 18.14
C GLY B 519 -10.27 36.39 17.81
N TRP B 520 -11.33 36.45 18.61
CA TRP B 520 -12.39 37.43 18.40
C TRP B 520 -12.20 38.70 19.22
N VAL B 521 -12.25 39.83 18.53
CA VAL B 521 -12.18 41.12 19.20
C VAL B 521 -13.42 41.95 18.83
N ARG B 522 -14.36 42.04 19.77
CA ARG B 522 -15.63 42.69 19.52
C ARG B 522 -15.48 44.21 19.35
N GLU B 523 -14.30 44.71 19.68
CA GLU B 523 -13.99 46.13 19.52
C GLU B 523 -13.91 46.49 18.04
N SER B 524 -13.66 45.48 17.21
CA SER B 524 -13.66 45.65 15.76
C SER B 524 -14.78 44.82 15.15
N GLY B 525 -15.46 44.05 16.00
CA GLY B 525 -16.47 43.12 15.54
C GLY B 525 -15.86 42.23 14.48
N SER B 526 -14.68 41.69 14.77
CA SER B 526 -13.92 40.91 13.79
C SER B 526 -13.01 39.86 14.43
N CYS B 527 -12.34 39.10 13.57
CA CYS B 527 -11.38 38.07 13.98
C CYS B 527 -9.99 38.57 13.65
N ALA B 528 -9.09 38.60 14.64
CA ALA B 528 -7.78 39.23 14.45
C ALA B 528 -6.60 38.45 15.05
N HIS B 529 -5.39 38.84 14.66
CA HIS B 529 -4.16 38.20 15.14
C HIS B 529 -4.18 38.05 16.66
N GLU B 539 -10.95 37.25 22.65
CA GLU B 539 -11.76 36.11 23.06
C GLU B 539 -11.53 34.89 22.18
N GLN B 540 -11.10 33.78 22.79
CA GLN B 540 -10.89 32.54 22.07
C GLN B 540 -10.98 31.30 22.97
N ASP B 541 -11.51 30.21 22.41
CA ASP B 541 -11.44 28.90 23.06
C ASP B 541 -10.81 27.87 22.13
N ILE B 542 -9.55 27.56 22.39
CA ILE B 542 -8.81 26.65 21.54
C ILE B 542 -9.02 25.20 21.96
N GLU B 543 -9.35 25.02 23.24
CA GLU B 543 -9.51 23.68 23.80
C GLU B 543 -10.89 23.08 23.50
N ARG B 544 -11.82 23.93 23.09
CA ARG B 544 -13.12 23.49 22.60
C ARG B 544 -13.62 24.42 21.49
N GLY B 545 -14.35 23.87 20.54
CA GLY B 545 -14.95 24.69 19.49
C GLY B 545 -16.20 25.35 20.00
N ASN B 546 -16.29 25.48 21.34
CA ASN B 546 -17.50 25.93 22.03
C ASN B 546 -18.19 27.13 21.40
N THR B 547 -19.25 26.87 20.66
CA THR B 547 -20.00 27.93 20.03
C THR B 547 -21.27 28.26 20.83
N ASP B 548 -21.28 27.84 22.10
CA ASP B 548 -22.46 28.01 22.97
C ASP B 548 -23.13 29.37 22.77
N GLY B 549 -24.34 29.36 22.22
CA GLY B 549 -25.11 30.58 22.04
C GLY B 549 -24.51 31.58 21.06
N LEU B 550 -24.11 31.09 19.89
CA LEU B 550 -23.58 31.95 18.84
C LEU B 550 -24.13 31.54 17.47
N GLY B 551 -23.61 32.16 16.42
CA GLY B 551 -24.02 31.87 15.06
C GLY B 551 -25.20 32.71 14.60
N ASP B 552 -25.65 32.53 13.35
CA ASP B 552 -25.06 31.55 12.44
C ASP B 552 -24.80 32.17 11.07
N CYS B 553 -23.66 31.82 10.47
CA CYS B 553 -23.28 32.37 9.18
C CYS B 553 -23.47 31.35 8.05
#